data_3C6G
#
_entry.id   3C6G
#
_cell.length_a   137.680
_cell.length_b   163.051
_cell.length_c   152.755
_cell.angle_alpha   90.000
_cell.angle_beta   90.000
_cell.angle_gamma   90.000
#
_symmetry.space_group_name_H-M   'C 2 2 21'
#
loop_
_entity.id
_entity.type
_entity.pdbx_description
1 polymer 'Cytochrome P450 2R1'
2 branched Cycloheptakis-(1-4)-(alpha-D-glucopyranose)
3 non-polymer 'UNKNOWN ATOM OR ION'
4 non-polymer 'PROTOPORPHYRIN IX CONTAINING FE'
5 non-polymer '(1S,3Z)-3-[(2E)-2-[(1R,3AR,7AS)-7A-METHYL-1-[(2R)-6-METHYLHEPTAN-2-YL]-2,3,3A,5,6,7-HEXAHYDRO-1H-INDEN-4-YLIDENE]ETHYLI DENE]-4-METHYLIDENE-CYCLOHEXAN-1-OL'
6 water water
#
_entity_poly.entity_id   1
_entity_poly.type   'polypeptide(L)'
_entity_poly.pdbx_seq_one_letter_code
;MAKKTKQRRPMGFPPGPPGLPFIGNIYSLAASSELPHVYMRKQSQVYGEIFSLDLGGISTVVLNGYDVVKECLVHQSEIF
ADRPCLPLFMKMTKMGGLLNSRYGRGWVDHRRLAVNSFRYFGYGQKSFESKILEETKFFNDAIETYKGRPFDFKQLITNA
VSNITNLIIFGERFTYEDTDFQHMIELFSENVELAASASVFLYNAFPWIGILPFGKHQQLFRNAAVVYDFLSRLIEKASV
NRKPQLPQHFVDAYLDEMDQGKNDPSSTFSKENLIFSVGELIIAGTETTTNVLRWAILFMALYPNIQGQVQKEIDLIMGP
NGKPSWDDKCKMPYTEAVLHEVLRFCNIVPLGIFHATSEDAVVRGYSIPKGTTVITNLYSVHFDEKYWRDPEVFHPERFL
DSSGYFAKKEALVPFSLGRRHCLGEHLARMEMFLFFTALLQRFHLHFPHELVPDLKPRLGMTLQPQPYLICAERRHHHH
;
_entity_poly.pdbx_strand_id   A,B
#
# COMPACT_ATOMS: atom_id res chain seq x y z
N PHE A 13 38.37 16.68 15.77
CA PHE A 13 36.87 16.43 15.71
C PHE A 13 36.10 17.39 16.62
N PRO A 14 35.01 18.02 16.11
CA PRO A 14 34.37 19.12 16.83
C PRO A 14 33.83 18.76 18.20
N PRO A 15 33.99 19.65 19.18
CA PRO A 15 33.47 19.38 20.51
C PRO A 15 31.97 19.48 20.51
N GLY A 16 31.34 19.10 21.61
CA GLY A 16 29.90 19.25 21.73
C GLY A 16 29.39 18.96 23.10
N PRO A 17 28.08 19.13 23.30
CA PRO A 17 27.50 18.85 24.60
C PRO A 17 27.55 17.36 24.91
N PRO A 18 27.73 17.01 26.20
CA PRO A 18 27.68 15.60 26.56
C PRO A 18 26.24 15.14 26.75
N GLY A 19 26.05 13.83 26.59
CA GLY A 19 24.79 13.18 26.92
C GLY A 19 25.08 11.77 27.42
N LEU A 20 24.01 11.03 27.69
CA LEU A 20 24.09 9.72 28.34
C LEU A 20 24.82 8.69 27.47
N PRO A 21 25.39 7.62 28.09
CA PRO A 21 25.87 6.44 27.34
C PRO A 21 24.75 5.77 26.53
N PHE A 22 25.13 5.12 25.43
CA PHE A 22 24.18 4.46 24.51
C PHE A 22 23.40 5.49 23.62
N ILE A 23 22.54 6.32 24.25
CA ILE A 23 21.64 7.24 23.51
C ILE A 23 22.20 8.67 23.24
N GLY A 24 23.30 9.02 23.89
CA GLY A 24 23.98 10.28 23.64
C GLY A 24 23.09 11.50 23.75
N ASN A 25 23.11 12.32 22.72
CA ASN A 25 22.37 13.57 22.73
C ASN A 25 20.92 13.44 22.29
N ILE A 26 20.49 12.25 21.90
CA ILE A 26 19.06 12.03 21.61
C ILE A 26 18.30 12.40 22.88
N TYR A 27 18.90 12.09 24.02
CA TYR A 27 18.38 12.50 25.32
C TYR A 27 18.26 14.03 25.42
N SER A 28 19.40 14.72 25.28
CA SER A 28 19.44 16.21 25.42
C SER A 28 18.51 16.98 24.44
N LEU A 29 18.45 16.57 23.18
CA LEU A 29 17.41 17.06 22.24
C LEU A 29 16.04 16.77 22.83
N ALA A 30 15.85 15.52 23.26
CA ALA A 30 14.53 15.05 23.73
C ALA A 30 14.04 15.82 24.95
N ALA A 31 14.90 15.86 25.98
CA ALA A 31 14.56 16.48 27.27
C ALA A 31 14.57 18.04 27.23
N SER A 32 15.08 18.64 26.14
CA SER A 32 14.98 20.10 25.93
C SER A 32 13.52 20.51 25.61
N SER A 33 13.09 21.64 26.19
CA SER A 33 11.75 22.20 25.91
C SER A 33 11.72 22.89 24.56
N GLU A 34 12.90 23.12 24.00
CA GLU A 34 13.04 23.81 22.74
C GLU A 34 13.03 22.85 21.57
N LEU A 35 12.59 23.33 20.42
CA LEU A 35 12.64 22.55 19.20
C LEU A 35 14.12 22.39 18.81
N PRO A 36 14.44 21.32 18.04
CA PRO A 36 15.82 20.90 17.81
C PRO A 36 16.72 21.94 17.20
N HIS A 37 16.20 22.71 16.25
CA HIS A 37 16.98 23.80 15.62
C HIS A 37 17.26 24.94 16.58
N VAL A 38 16.33 25.16 17.53
CA VAL A 38 16.53 26.16 18.58
C VAL A 38 17.56 25.64 19.59
N TYR A 39 17.35 24.41 20.06
CA TYR A 39 18.34 23.72 20.89
C TYR A 39 19.75 23.88 20.33
N MET A 40 19.87 23.61 19.03
CA MET A 40 21.17 23.57 18.39
C MET A 40 21.83 24.93 18.28
N ARG A 41 21.01 25.97 18.13
CA ARG A 41 21.53 27.31 18.01
C ARG A 41 22.13 27.76 19.35
N LYS A 42 21.43 27.47 20.44
CA LYS A 42 21.95 27.76 21.78
C LYS A 42 23.27 27.05 22.06
N GLN A 43 23.40 25.80 21.67
CA GLN A 43 24.64 25.06 21.90
C GLN A 43 25.80 25.62 21.08
N SER A 44 25.53 26.27 19.96
CA SER A 44 26.66 26.83 19.16
C SER A 44 27.25 28.03 19.85
N GLN A 45 26.40 28.77 20.55
CA GLN A 45 26.84 29.88 21.40
C GLN A 45 27.85 29.43 22.49
N VAL A 46 27.71 28.19 22.97
CA VAL A 46 28.64 27.59 23.95
C VAL A 46 29.82 26.87 23.29
N TYR A 47 29.57 26.12 22.21
CA TYR A 47 30.62 25.28 21.59
C TYR A 47 31.20 25.79 20.28
N GLY A 48 30.57 26.77 19.65
CA GLY A 48 31.06 27.30 18.38
C GLY A 48 30.12 27.03 17.22
N GLU A 49 30.43 27.66 16.08
CA GLU A 49 29.60 27.57 14.89
C GLU A 49 29.52 26.14 14.36
N ILE A 50 30.59 25.39 14.54
CA ILE A 50 30.60 23.98 14.17
C ILE A 50 30.82 23.11 15.43
N PHE A 51 29.78 22.38 15.85
CA PHE A 51 29.86 21.45 16.98
C PHE A 51 29.27 20.09 16.65
N SER A 52 29.41 19.13 17.57
CA SER A 52 28.96 17.77 17.29
C SER A 52 27.97 17.25 18.29
N LEU A 53 27.25 16.24 17.86
CA LEU A 53 26.28 15.57 18.68
C LEU A 53 26.51 14.09 18.49
N ASP A 54 26.26 13.31 19.53
CA ASP A 54 26.23 11.87 19.41
C ASP A 54 24.78 11.49 19.44
N LEU A 55 24.25 11.10 18.30
CA LEU A 55 22.85 10.72 18.24
C LEU A 55 22.80 9.20 18.28
N GLY A 56 22.75 8.68 19.52
CA GLY A 56 22.76 7.24 19.81
C GLY A 56 23.93 6.44 19.23
N GLY A 57 25.08 7.10 19.06
CA GLY A 57 26.25 6.46 18.50
C GLY A 57 26.54 6.82 17.05
N ILE A 58 25.58 7.47 16.36
CA ILE A 58 25.89 8.09 15.06
C ILE A 58 26.48 9.47 15.34
N SER A 59 27.71 9.68 14.92
CA SER A 59 28.37 10.97 15.12
C SER A 59 27.90 11.92 14.02
N THR A 60 27.39 13.05 14.47
CA THR A 60 26.84 14.03 13.58
C THR A 60 27.46 15.39 13.91
N VAL A 61 27.64 16.20 12.89
CA VAL A 61 28.18 17.54 13.06
C VAL A 61 27.12 18.56 12.66
N VAL A 62 26.90 19.54 13.51
CA VAL A 62 25.96 20.63 13.24
C VAL A 62 26.71 21.89 12.73
N LEU A 63 26.17 22.52 11.68
CA LEU A 63 26.73 23.78 11.15
C LEU A 63 25.78 24.92 11.48
N ASN A 64 26.32 26.00 12.05
CA ASN A 64 25.51 27.09 12.56
C ASN A 64 26.04 28.43 12.08
N GLY A 65 25.11 29.28 11.69
CA GLY A 65 25.45 30.58 11.17
C GLY A 65 25.81 30.53 9.71
N TYR A 66 25.68 31.67 9.06
CA TYR A 66 25.88 31.78 7.63
C TYR A 66 27.28 31.39 7.17
N ASP A 67 28.30 31.81 7.91
CA ASP A 67 29.68 31.59 7.48
C ASP A 67 30.08 30.11 7.36
N VAL A 68 29.86 29.28 8.38
CA VAL A 68 30.31 27.87 8.24
C VAL A 68 29.40 27.09 7.31
N VAL A 69 28.12 27.43 7.28
CA VAL A 69 27.23 26.72 6.38
C VAL A 69 27.69 26.92 4.94
N LYS A 70 28.07 28.16 4.61
CA LYS A 70 28.61 28.49 3.26
C LYS A 70 29.96 27.87 3.05
N GLU A 71 30.79 27.96 4.07
CA GLU A 71 32.16 27.46 4.00
C GLU A 71 32.15 25.98 3.60
N CYS A 72 31.17 25.23 4.12
CA CYS A 72 31.02 23.81 3.79
C CYS A 72 30.28 23.55 2.50
N LEU A 73 29.01 23.95 2.46
CA LEU A 73 28.15 23.63 1.34
C LEU A 73 28.56 24.34 0.06
N VAL A 74 29.27 25.46 0.15
CA VAL A 74 29.67 26.14 -1.09
C VAL A 74 31.16 26.00 -1.38
N HIS A 75 32.02 26.37 -0.45
CA HIS A 75 33.48 26.37 -0.73
C HIS A 75 33.96 24.93 -0.93
N GLN A 76 33.45 24.00 -0.12
CA GLN A 76 33.76 22.57 -0.23
C GLN A 76 32.54 21.77 -0.77
N SER A 77 31.93 22.26 -1.85
CA SER A 77 30.65 21.74 -2.34
C SER A 77 30.62 20.22 -2.59
N GLU A 78 31.66 19.67 -3.20
CA GLU A 78 31.70 18.23 -3.53
C GLU A 78 31.90 17.39 -2.26
N ILE A 79 32.64 17.93 -1.31
CA ILE A 79 32.87 17.18 -0.07
C ILE A 79 31.60 17.04 0.80
N PHE A 80 30.71 18.02 0.77
CA PHE A 80 29.48 17.98 1.60
C PHE A 80 28.19 17.75 0.78
N ALA A 81 28.32 17.15 -0.39
CA ALA A 81 27.18 16.96 -1.27
C ALA A 81 26.46 15.66 -1.03
N ASP A 82 26.93 14.85 -0.09
CA ASP A 82 26.40 13.50 0.05
C ASP A 82 25.26 13.50 1.02
N ARG A 83 24.59 12.35 1.13
CA ARG A 83 23.54 12.09 2.11
C ARG A 83 24.00 10.98 3.04
N PRO A 84 23.53 11.01 4.29
CA PRO A 84 23.91 10.01 5.25
C PRO A 84 23.16 8.67 5.08
N CYS A 85 23.83 7.59 5.42
CA CYS A 85 23.28 6.25 5.31
C CYS A 85 22.62 5.87 6.58
N LEU A 86 21.58 6.60 6.94
CA LEU A 86 20.82 6.25 8.14
C LEU A 86 19.96 5.05 7.76
N PRO A 87 19.82 4.10 8.68
CA PRO A 87 18.93 2.97 8.43
C PRO A 87 17.55 3.33 7.80
N LEU A 88 16.88 4.39 8.26
CA LEU A 88 15.55 4.74 7.69
C LEU A 88 15.67 5.02 6.19
N PHE A 89 16.66 5.82 5.79
CA PHE A 89 16.83 6.16 4.39
C PHE A 89 17.30 4.96 3.53
N MET A 90 18.02 4.00 4.12
CA MET A 90 18.41 2.79 3.37
C MET A 90 17.18 1.93 3.12
N LYS A 91 16.29 1.88 4.09
CA LYS A 91 15.06 1.10 3.98
C LYS A 91 14.09 1.70 2.97
N MET A 92 13.94 3.01 3.02
CA MET A 92 12.96 3.68 2.20
C MET A 92 13.36 3.67 0.73
N THR A 93 14.57 4.13 0.42
CA THR A 93 14.99 4.35 -0.98
C THR A 93 16.30 3.70 -1.41
N LYS A 94 16.92 2.93 -0.51
CA LYS A 94 18.24 2.36 -0.76
C LYS A 94 19.27 3.41 -1.21
N MET A 95 19.07 4.67 -0.82
CA MET A 95 19.90 5.80 -1.26
C MET A 95 20.00 5.90 -2.80
N GLY A 96 18.93 5.56 -3.49
CA GLY A 96 18.80 5.86 -4.91
C GLY A 96 17.77 6.96 -5.03
N GLY A 97 17.10 7.05 -6.16
CA GLY A 97 16.22 8.18 -6.40
C GLY A 97 17.04 9.47 -6.57
N LEU A 98 16.55 10.54 -5.94
CA LEU A 98 17.10 11.88 -6.13
C LEU A 98 17.41 12.55 -4.77
N LEU A 99 16.36 12.81 -4.00
CA LEU A 99 16.48 13.62 -2.78
C LEU A 99 17.47 13.02 -1.75
N ASN A 100 17.36 11.70 -1.53
CA ASN A 100 18.25 10.99 -0.59
C ASN A 100 19.27 10.11 -1.28
N SER A 101 19.45 10.34 -2.57
CA SER A 101 20.44 9.63 -3.34
C SER A 101 21.81 9.91 -2.80
N ARG A 102 22.70 8.93 -2.83
CA ARG A 102 24.12 9.21 -2.60
C ARG A 102 24.58 10.14 -3.69
N TYR A 103 25.62 10.90 -3.41
CA TYR A 103 26.22 11.79 -4.40
C TYR A 103 27.00 10.97 -5.40
N GLY A 104 26.54 10.94 -6.64
CA GLY A 104 27.22 10.17 -7.66
C GLY A 104 26.53 10.24 -8.99
N ARG A 105 26.85 9.28 -9.86
CA ARG A 105 26.28 9.24 -11.20
C ARG A 105 24.77 9.11 -11.16
N GLY A 106 24.25 8.35 -10.20
CA GLY A 106 22.81 8.20 -10.01
C GLY A 106 22.10 9.52 -9.73
N TRP A 107 22.67 10.27 -8.80
CA TRP A 107 22.15 11.60 -8.47
C TRP A 107 22.32 12.56 -9.62
N VAL A 108 23.46 12.53 -10.31
CA VAL A 108 23.65 13.39 -11.48
C VAL A 108 22.58 13.13 -12.53
N ASP A 109 22.31 11.85 -12.78
CA ASP A 109 21.33 11.44 -13.77
C ASP A 109 19.91 11.86 -13.42
N HIS A 110 19.52 11.69 -12.17
CA HIS A 110 18.15 12.04 -11.74
C HIS A 110 17.95 13.54 -11.58
N ARG A 111 18.90 14.20 -10.95
CA ARG A 111 18.90 15.65 -10.84
C ARG A 111 18.78 16.26 -12.24
N ARG A 112 19.72 15.94 -13.12
CA ARG A 112 19.70 16.52 -14.46
C ARG A 112 18.30 16.34 -15.08
N LEU A 113 17.78 15.10 -15.08
CA LEU A 113 16.47 14.82 -15.70
C LEU A 113 15.32 15.66 -15.11
N ALA A 114 15.35 15.83 -13.79
CA ALA A 114 14.33 16.57 -13.07
C ALA A 114 14.38 18.06 -13.41
N VAL A 115 15.59 18.65 -13.32
CA VAL A 115 15.84 20.05 -13.67
C VAL A 115 15.32 20.35 -15.06
N ASN A 116 15.79 19.60 -16.04
CA ASN A 116 15.31 19.76 -17.44
C ASN A 116 13.83 19.57 -17.60
N SER A 117 13.26 18.61 -16.86
CA SER A 117 11.83 18.32 -16.99
C SER A 117 10.97 19.43 -16.45
N PHE A 118 11.40 20.04 -15.34
CA PHE A 118 10.65 21.14 -14.75
C PHE A 118 10.71 22.37 -15.64
N ARG A 119 11.85 22.58 -16.29
CA ARG A 119 12.03 23.63 -17.28
C ARG A 119 11.12 23.37 -18.48
N TYR A 120 11.24 22.18 -19.05
CA TYR A 120 10.63 21.86 -20.34
C TYR A 120 9.12 21.65 -20.27
N PHE A 121 8.66 20.93 -19.25
CA PHE A 121 7.23 20.67 -19.09
C PHE A 121 6.56 21.69 -18.16
N GLY A 122 7.33 22.68 -17.72
CA GLY A 122 6.85 23.61 -16.73
C GLY A 122 7.05 25.04 -17.14
N TYR A 123 7.90 25.75 -16.41
CA TYR A 123 8.04 27.19 -16.60
C TYR A 123 8.76 27.60 -17.91
N GLY A 124 9.32 26.64 -18.63
CA GLY A 124 9.89 26.91 -19.95
C GLY A 124 8.85 27.14 -21.04
N GLN A 125 7.60 26.82 -20.76
CA GLN A 125 6.52 26.97 -21.73
C GLN A 125 5.65 28.18 -21.43
N LYS A 126 5.32 28.93 -22.47
CA LYS A 126 4.54 30.16 -22.33
C LYS A 126 3.16 29.93 -21.70
N SER A 127 2.54 28.79 -21.99
CA SER A 127 1.18 28.55 -21.45
C SER A 127 1.17 28.16 -19.95
N PHE A 128 2.34 27.99 -19.35
CA PHE A 128 2.43 27.44 -18.01
C PHE A 128 1.88 28.34 -16.93
N GLU A 129 2.25 29.61 -17.00
CA GLU A 129 1.80 30.56 -15.99
C GLU A 129 0.28 30.60 -15.88
N SER A 130 -0.40 30.46 -17.01
CA SER A 130 -1.88 30.49 -17.00
C SER A 130 -2.47 29.24 -16.38
N LYS A 131 -1.75 28.12 -16.45
CA LYS A 131 -2.14 26.90 -15.74
C LYS A 131 -2.04 27.12 -14.21
N ILE A 132 -1.02 27.83 -13.75
CA ILE A 132 -0.98 28.25 -12.34
C ILE A 132 -2.20 29.11 -12.03
N LEU A 133 -2.42 30.13 -12.83
CA LEU A 133 -3.57 31.02 -12.62
C LEU A 133 -4.89 30.27 -12.71
N GLU A 134 -4.95 29.24 -13.54
CA GLU A 134 -6.18 28.43 -13.60
C GLU A 134 -6.42 27.76 -12.26
N GLU A 135 -5.32 27.32 -11.64
CA GLU A 135 -5.38 26.67 -10.34
C GLU A 135 -5.77 27.63 -9.23
N THR A 136 -5.26 28.87 -9.26
CA THR A 136 -5.70 29.88 -8.27
C THR A 136 -7.21 30.14 -8.37
N LYS A 137 -7.78 30.01 -9.57
CA LYS A 137 -9.22 30.17 -9.72
C LYS A 137 -10.03 29.05 -9.06
N PHE A 138 -9.67 27.80 -9.32
CA PHE A 138 -10.29 26.65 -8.63
C PHE A 138 -10.18 26.84 -7.11
N PHE A 139 -8.99 27.24 -6.69
CA PHE A 139 -8.66 27.46 -5.29
C PHE A 139 -9.55 28.56 -4.70
N ASN A 140 -9.52 29.74 -5.32
CA ASN A 140 -10.32 30.88 -4.83
C ASN A 140 -11.82 30.62 -4.87
N ASP A 141 -12.28 29.95 -5.93
CA ASP A 141 -13.68 29.52 -6.01
C ASP A 141 -14.05 28.61 -4.85
N ALA A 142 -13.19 27.64 -4.56
CA ALA A 142 -13.40 26.75 -3.40
C ALA A 142 -13.47 27.54 -2.09
N ILE A 143 -12.68 28.62 -1.99
CA ILE A 143 -12.69 29.43 -0.78
C ILE A 143 -14.03 30.17 -0.63
N GLU A 144 -14.54 30.68 -1.75
CA GLU A 144 -15.82 31.37 -1.81
C GLU A 144 -16.98 30.49 -1.31
N THR A 145 -16.94 29.20 -1.67
CA THR A 145 -17.89 28.20 -1.19
C THR A 145 -18.31 28.38 0.26
N TYR A 146 -17.35 28.66 1.13
CA TYR A 146 -17.61 28.74 2.57
C TYR A 146 -18.34 30.04 3.01
N LYS A 147 -18.47 30.99 2.08
CA LYS A 147 -19.25 32.22 2.31
C LYS A 147 -18.83 32.93 3.61
N GLY A 148 -17.54 33.11 3.78
CA GLY A 148 -17.01 33.86 4.91
C GLY A 148 -16.97 33.15 6.25
N ARG A 149 -17.45 31.92 6.29
CA ARG A 149 -17.48 31.15 7.53
C ARG A 149 -16.11 30.52 7.78
N PRO A 150 -15.75 30.35 9.07
CA PRO A 150 -14.41 29.88 9.45
C PRO A 150 -14.11 28.45 9.02
N PHE A 151 -12.95 28.24 8.40
CA PHE A 151 -12.51 26.87 8.03
C PHE A 151 -10.99 26.72 8.00
N ASP A 152 -10.51 25.50 7.87
CA ASP A 152 -9.07 25.24 7.77
C ASP A 152 -8.66 25.19 6.30
N PHE A 153 -7.65 25.98 5.94
CA PHE A 153 -7.15 26.08 4.58
C PHE A 153 -6.24 24.93 4.21
N LYS A 154 -5.83 24.11 5.18
CA LYS A 154 -4.80 23.12 4.91
C LYS A 154 -5.07 22.24 3.66
N GLN A 155 -6.28 21.68 3.56
CA GLN A 155 -6.61 20.75 2.45
C GLN A 155 -6.55 21.44 1.11
N LEU A 156 -7.25 22.57 0.98
CA LEU A 156 -7.32 23.28 -0.29
C LEU A 156 -5.94 23.74 -0.76
N ILE A 157 -5.17 24.36 0.15
CA ILE A 157 -3.82 24.77 -0.21
C ILE A 157 -3.02 23.57 -0.71
N THR A 158 -3.05 22.47 0.03
CA THR A 158 -2.35 21.25 -0.38
C THR A 158 -2.79 20.76 -1.77
N ASN A 159 -4.10 20.61 -1.97
CA ASN A 159 -4.65 20.20 -3.28
C ASN A 159 -4.07 21.08 -4.40
N ALA A 160 -4.19 22.40 -4.22
CA ALA A 160 -3.79 23.39 -5.24
C ALA A 160 -2.33 23.36 -5.51
N VAL A 161 -1.52 23.34 -4.45
CA VAL A 161 -0.07 23.38 -4.62
C VAL A 161 0.40 22.13 -5.33
N SER A 162 -0.03 20.95 -4.85
CA SER A 162 0.40 19.68 -5.46
C SER A 162 0.05 19.58 -6.92
N ASN A 163 -1.11 20.12 -7.32
CA ASN A 163 -1.49 20.13 -8.75
C ASN A 163 -0.52 20.87 -9.68
N ILE A 164 0.19 21.86 -9.19
CA ILE A 164 1.17 22.51 -10.06
C ILE A 164 2.28 21.52 -10.41
N THR A 165 2.60 20.63 -9.48
CA THR A 165 3.64 19.64 -9.75
C THR A 165 3.05 18.49 -10.58
N ASN A 166 1.83 18.07 -10.24
CA ASN A 166 1.14 17.02 -10.99
C ASN A 166 1.12 17.28 -12.49
N LEU A 167 0.91 18.53 -12.88
CA LEU A 167 0.99 18.92 -14.29
C LEU A 167 2.33 18.52 -14.89
N ILE A 168 3.42 18.80 -14.18
CA ILE A 168 4.75 18.51 -14.70
C ILE A 168 5.11 17.02 -14.71
N ILE A 169 4.59 16.27 -13.74
CA ILE A 169 5.02 14.88 -13.54
C ILE A 169 4.11 13.93 -14.28
N PHE A 170 2.79 14.12 -14.08
CA PHE A 170 1.76 13.27 -14.66
C PHE A 170 1.02 13.89 -15.83
N GLY A 171 1.31 15.15 -16.13
CA GLY A 171 0.70 15.85 -17.25
C GLY A 171 -0.72 16.29 -17.02
N GLU A 172 -1.22 16.16 -15.79
CA GLU A 172 -2.57 16.60 -15.51
C GLU A 172 -2.72 17.05 -14.08
N ARG A 173 -3.86 17.66 -13.79
CA ARG A 173 -4.21 18.06 -12.44
C ARG A 173 -5.36 17.18 -11.96
N PHE A 174 -5.36 16.84 -10.68
CA PHE A 174 -6.40 16.01 -10.11
C PHE A 174 -7.41 16.92 -9.45
N THR A 175 -8.68 16.54 -9.51
CA THR A 175 -9.73 17.41 -9.01
C THR A 175 -9.68 17.46 -7.48
N TYR A 176 -10.40 18.42 -6.88
CA TYR A 176 -10.42 18.53 -5.41
C TYR A 176 -11.33 17.48 -4.77
N GLU A 177 -12.07 16.73 -5.59
CA GLU A 177 -12.88 15.58 -5.08
C GLU A 177 -12.09 14.25 -5.06
N ASP A 178 -10.88 14.28 -5.62
CA ASP A 178 -10.01 13.11 -5.65
C ASP A 178 -9.41 12.78 -4.27
N THR A 179 -10.21 12.16 -3.39
CA THR A 179 -9.76 11.91 -2.02
C THR A 179 -8.75 10.77 -1.91
N ASP A 180 -8.62 9.94 -2.94
CA ASP A 180 -7.61 8.88 -2.94
C ASP A 180 -6.20 9.46 -2.99
N PHE A 181 -5.98 10.39 -3.90
CA PHE A 181 -4.68 11.06 -4.03
C PHE A 181 -4.38 11.86 -2.76
N GLN A 182 -5.41 12.51 -2.22
CA GLN A 182 -5.27 13.31 -1.01
C GLN A 182 -4.86 12.47 0.18
N HIS A 183 -5.43 11.28 0.29
CA HIS A 183 -5.07 10.32 1.32
C HIS A 183 -3.60 9.92 1.22
N MET A 184 -3.13 9.66 0.00
CA MET A 184 -1.73 9.32 -0.22
C MET A 184 -0.78 10.45 0.23
N ILE A 185 -1.18 11.68 0.00
CA ILE A 185 -0.38 12.82 0.42
C ILE A 185 -0.41 13.00 1.95
N GLU A 186 -1.53 12.64 2.60
CA GLU A 186 -1.62 12.75 4.06
C GLU A 186 -0.73 11.71 4.76
N LEU A 187 -0.61 10.53 4.18
CA LEU A 187 0.28 9.52 4.75
C LEU A 187 1.73 9.92 4.54
N PHE A 188 2.04 10.40 3.34
CA PHE A 188 3.42 10.78 2.96
C PHE A 188 3.88 11.95 3.83
N SER A 189 2.94 12.85 4.11
CA SER A 189 3.21 14.00 4.93
C SER A 189 3.43 13.60 6.40
N GLU A 190 2.60 12.70 6.93
CA GLU A 190 2.87 12.07 8.23
C GLU A 190 4.28 11.55 8.32
N ASN A 191 4.76 10.91 7.24
CA ASN A 191 6.12 10.37 7.21
C ASN A 191 7.21 11.43 7.29
N VAL A 192 7.04 12.54 6.58
CA VAL A 192 7.96 13.67 6.69
C VAL A 192 8.03 14.17 8.16
N GLU A 193 6.90 14.14 8.85
CA GLU A 193 6.86 14.55 10.27
C GLU A 193 7.53 13.54 11.21
N LEU A 194 7.18 12.27 11.06
CA LEU A 194 7.75 11.22 11.89
C LEU A 194 9.28 11.09 11.69
N ALA A 195 9.79 11.59 10.58
CA ALA A 195 11.23 11.57 10.29
C ALA A 195 12.03 12.36 11.31
N ALA A 196 11.41 13.35 11.96
CA ALA A 196 12.08 14.19 12.99
C ALA A 196 11.83 13.66 14.42
N SER A 197 11.05 12.60 14.52
CA SER A 197 10.65 11.99 15.77
C SER A 197 11.84 11.41 16.55
N ALA A 198 11.78 11.52 17.89
CA ALA A 198 12.74 10.81 18.75
C ALA A 198 12.73 9.31 18.40
N SER A 199 11.54 8.76 18.16
CA SER A 199 11.40 7.35 17.76
C SER A 199 12.32 6.99 16.61
N VAL A 200 12.45 7.90 15.66
CA VAL A 200 13.24 7.61 14.46
C VAL A 200 14.72 7.82 14.70
N PHE A 201 15.09 8.80 15.51
CA PHE A 201 16.51 9.02 15.85
C PHE A 201 17.03 7.76 16.55
N LEU A 202 16.18 7.18 17.41
CA LEU A 202 16.47 5.90 18.08
C LEU A 202 16.48 4.74 17.08
N TYR A 203 15.46 4.63 16.23
CA TYR A 203 15.47 3.60 15.20
C TYR A 203 16.80 3.59 14.43
N ASN A 204 17.28 4.75 14.01
CA ASN A 204 18.56 4.83 13.26
C ASN A 204 19.77 4.44 14.10
N ALA A 205 19.74 4.82 15.37
CA ALA A 205 20.77 4.43 16.31
C ALA A 205 20.73 2.90 16.54
N PHE A 206 19.51 2.37 16.75
CA PHE A 206 19.30 0.99 17.16
C PHE A 206 18.26 0.32 16.27
N PRO A 207 18.64 -0.05 15.05
CA PRO A 207 17.65 -0.53 14.07
C PRO A 207 17.00 -1.86 14.45
N TRP A 208 17.56 -2.55 15.42
CA TRP A 208 16.90 -3.71 15.98
C TRP A 208 15.54 -3.37 16.60
N ILE A 209 15.35 -2.11 16.98
CA ILE A 209 14.01 -1.61 17.39
C ILE A 209 12.91 -1.99 16.39
N GLY A 210 13.29 -2.26 15.14
CA GLY A 210 12.36 -2.74 14.13
C GLY A 210 11.59 -4.01 14.50
N ILE A 211 12.16 -4.87 15.36
CA ILE A 211 11.43 -6.04 15.87
C ILE A 211 10.21 -5.64 16.70
N LEU A 212 10.24 -4.45 17.31
CA LEU A 212 9.11 -3.98 18.12
C LEU A 212 7.94 -3.65 17.24
N PRO A 213 6.78 -4.23 17.53
CA PRO A 213 5.61 -4.06 16.67
C PRO A 213 4.87 -2.74 16.88
N PHE A 214 5.06 -2.10 18.03
CA PHE A 214 4.36 -0.86 18.31
C PHE A 214 5.25 0.36 18.07
N GLY A 215 4.65 1.50 17.75
CA GLY A 215 5.38 2.77 17.74
C GLY A 215 5.48 3.47 16.41
N LYS A 216 5.98 4.70 16.44
CA LYS A 216 6.02 5.60 15.29
C LYS A 216 6.81 5.09 14.09
N HIS A 217 7.80 4.24 14.32
CA HIS A 217 8.58 3.65 13.24
C HIS A 217 7.76 2.65 12.38
N GLN A 218 6.86 1.90 13.02
CA GLN A 218 5.98 0.96 12.30
C GLN A 218 4.92 1.71 11.52
N GLN A 219 4.37 2.75 12.13
CA GLN A 219 3.47 3.64 11.41
C GLN A 219 4.13 4.18 10.12
N LEU A 220 5.41 4.54 10.20
CA LEU A 220 6.14 5.11 9.08
C LEU A 220 6.36 4.09 7.97
N PHE A 221 6.74 2.86 8.34
CA PHE A 221 7.01 1.80 7.34
C PHE A 221 5.73 1.35 6.66
N ARG A 222 4.65 1.27 7.45
CA ARG A 222 3.34 0.95 6.92
C ARG A 222 2.89 2.03 5.94
N ASN A 223 2.99 3.30 6.35
CA ASN A 223 2.68 4.43 5.48
C ASN A 223 3.49 4.37 4.18
N ALA A 224 4.79 4.06 4.29
CA ALA A 224 5.64 4.06 3.13
C ALA A 224 5.22 2.96 2.14
N ALA A 225 4.74 1.84 2.65
CA ALA A 225 4.23 0.78 1.80
C ALA A 225 3.01 1.29 1.01
N VAL A 226 2.01 1.75 1.72
CA VAL A 226 0.81 2.27 1.08
C VAL A 226 1.17 3.35 0.03
N VAL A 227 2.08 4.25 0.39
CA VAL A 227 2.48 5.33 -0.52
C VAL A 227 3.21 4.80 -1.77
N TYR A 228 4.13 3.85 -1.58
CA TYR A 228 4.85 3.22 -2.69
C TYR A 228 3.91 2.58 -3.71
N ASP A 229 2.85 1.95 -3.23
CA ASP A 229 1.97 1.25 -4.12
C ASP A 229 1.17 2.25 -4.92
N PHE A 230 0.67 3.27 -4.23
CA PHE A 230 -0.12 4.29 -4.88
C PHE A 230 0.68 4.98 -5.97
N LEU A 231 1.92 5.34 -5.66
CA LEU A 231 2.76 6.02 -6.64
C LEU A 231 3.01 5.17 -7.88
N SER A 232 3.26 3.87 -7.71
CA SER A 232 3.49 3.02 -8.90
C SER A 232 2.23 2.91 -9.75
N ARG A 233 1.06 2.98 -9.10
CA ARG A 233 -0.22 2.93 -9.82
C ARG A 233 -0.44 4.18 -10.65
N LEU A 234 -0.09 5.34 -10.09
CA LEU A 234 -0.20 6.61 -10.81
C LEU A 234 0.76 6.66 -11.97
N ILE A 235 1.98 6.18 -11.74
CA ILE A 235 3.01 6.18 -12.75
C ILE A 235 2.59 5.27 -13.92
N GLU A 236 1.86 4.21 -13.61
CA GLU A 236 1.36 3.29 -14.64
C GLU A 236 0.22 3.91 -15.45
N LYS A 237 -0.73 4.52 -14.77
CA LYS A 237 -1.79 5.26 -15.47
C LYS A 237 -1.23 6.39 -16.34
N ALA A 238 -0.14 7.02 -15.91
CA ALA A 238 0.44 8.14 -16.66
C ALA A 238 1.30 7.69 -17.82
N SER A 239 1.64 6.39 -17.89
CA SER A 239 2.49 5.92 -18.99
C SER A 239 1.69 5.17 -20.08
N VAL A 240 0.38 5.03 -19.89
CA VAL A 240 -0.47 4.32 -20.85
C VAL A 240 -0.27 4.83 -22.31
N ASN A 241 -0.64 6.09 -22.56
CA ASN A 241 -0.60 6.65 -23.92
C ASN A 241 0.79 7.04 -24.42
N ARG A 242 1.82 6.58 -23.74
CA ARG A 242 3.16 7.05 -23.98
C ARG A 242 3.59 6.82 -25.44
N LYS A 243 4.14 7.86 -26.05
CA LYS A 243 4.73 7.79 -27.37
C LYS A 243 6.23 7.88 -27.20
N PRO A 244 6.94 6.73 -27.26
CA PRO A 244 8.40 6.75 -27.07
C PRO A 244 9.06 7.89 -27.83
N GLN A 245 10.01 8.56 -27.17
CA GLN A 245 10.77 9.74 -27.73
C GLN A 245 9.95 11.03 -27.88
N LEU A 246 8.66 11.01 -27.53
CA LEU A 246 7.80 12.21 -27.57
C LEU A 246 7.03 12.29 -26.24
N PRO A 247 7.75 12.67 -25.17
CA PRO A 247 7.23 12.69 -23.82
C PRO A 247 6.30 13.85 -23.52
N GLN A 248 5.23 13.58 -22.77
CA GLN A 248 4.28 14.60 -22.32
C GLN A 248 4.58 15.13 -20.91
N HIS A 249 5.55 14.53 -20.22
CA HIS A 249 5.78 14.82 -18.81
C HIS A 249 6.95 14.04 -18.24
N PHE A 250 7.24 14.27 -16.97
CA PHE A 250 8.41 13.69 -16.34
C PHE A 250 8.42 12.15 -16.45
N VAL A 251 7.27 11.51 -16.16
CA VAL A 251 7.19 10.03 -16.20
C VAL A 251 7.58 9.49 -17.57
N ASP A 252 7.00 10.06 -18.65
CA ASP A 252 7.36 9.67 -20.01
C ASP A 252 8.86 9.88 -20.24
N ALA A 253 9.38 11.04 -19.84
CA ALA A 253 10.82 11.35 -20.05
C ALA A 253 11.71 10.36 -19.33
N TYR A 254 11.29 9.90 -18.15
CA TYR A 254 12.07 8.92 -17.37
C TYR A 254 12.11 7.61 -18.13
N LEU A 255 10.93 7.17 -18.58
CA LEU A 255 10.84 5.96 -19.37
C LEU A 255 11.69 6.08 -20.67
N ASP A 256 11.73 7.27 -21.28
CA ASP A 256 12.63 7.52 -22.43
C ASP A 256 14.06 7.16 -22.09
N GLU A 257 14.50 7.55 -20.91
CA GLU A 257 15.88 7.39 -20.51
C GLU A 257 16.22 5.93 -20.23
N MET A 258 15.26 5.19 -19.69
CA MET A 258 15.43 3.74 -19.49
C MET A 258 15.62 2.99 -20.80
N ASP A 259 14.96 3.46 -21.86
CA ASP A 259 15.16 2.89 -23.18
C ASP A 259 16.61 3.11 -23.65
N GLN A 260 17.07 4.34 -23.58
CA GLN A 260 18.41 4.68 -24.03
C GLN A 260 19.51 4.06 -23.16
N GLY A 261 19.15 3.53 -22.00
CA GLY A 261 20.09 2.83 -21.15
C GLY A 261 19.89 1.33 -21.06
N LYS A 262 19.04 0.76 -21.93
CA LYS A 262 18.76 -0.70 -21.92
C LYS A 262 20.05 -1.52 -22.10
N ASN A 263 20.96 -1.04 -22.94
CA ASN A 263 22.21 -1.74 -23.20
C ASN A 263 23.31 -1.37 -22.20
N ASP A 264 23.27 -0.15 -21.67
CA ASP A 264 24.17 0.23 -20.57
C ASP A 264 23.68 -0.39 -19.27
N PRO A 265 24.40 -1.39 -18.73
CA PRO A 265 23.83 -2.01 -17.54
C PRO A 265 24.08 -1.17 -16.27
N SER A 266 25.14 -0.34 -16.27
CA SER A 266 25.44 0.54 -15.13
C SER A 266 24.49 1.76 -15.05
N SER A 267 23.64 1.92 -16.06
CA SER A 267 22.55 2.89 -16.05
C SER A 267 21.72 2.80 -14.75
N THR A 268 21.52 3.94 -14.12
CA THR A 268 20.95 4.05 -12.79
C THR A 268 19.41 4.20 -12.82
N PHE A 269 18.85 4.49 -13.99
CA PHE A 269 17.39 4.62 -14.13
C PHE A 269 16.74 3.26 -13.98
N SER A 270 15.70 3.21 -13.16
CA SER A 270 14.98 1.99 -12.92
C SER A 270 13.56 2.30 -12.54
N LYS A 271 12.71 1.28 -12.56
CA LYS A 271 11.30 1.41 -12.16
C LYS A 271 11.16 1.83 -10.67
N GLU A 272 12.05 1.29 -9.84
CA GLU A 272 12.10 1.60 -8.41
C GLU A 272 12.51 3.06 -8.22
N ASN A 273 13.60 3.44 -8.88
CA ASN A 273 14.08 4.81 -8.86
C ASN A 273 13.14 5.86 -9.47
N LEU A 274 12.18 5.41 -10.29
CA LEU A 274 11.14 6.29 -10.84
C LEU A 274 10.10 6.57 -9.77
N ILE A 275 9.73 5.55 -9.00
CA ILE A 275 8.76 5.73 -7.90
C ILE A 275 9.36 6.62 -6.82
N PHE A 276 10.64 6.41 -6.51
CA PHE A 276 11.30 7.20 -5.48
C PHE A 276 11.42 8.67 -5.89
N SER A 277 11.86 8.90 -7.13
CA SER A 277 11.99 10.24 -7.69
C SER A 277 10.66 10.98 -7.70
N VAL A 278 9.61 10.32 -8.19
CA VAL A 278 8.29 10.94 -8.26
C VAL A 278 7.78 11.28 -6.87
N GLY A 279 7.86 10.30 -5.98
CA GLY A 279 7.52 10.54 -4.58
C GLY A 279 8.30 11.69 -3.96
N GLU A 280 9.61 11.72 -4.17
CA GLU A 280 10.45 12.78 -3.62
C GLU A 280 10.05 14.15 -4.19
N LEU A 281 9.92 14.24 -5.51
CA LEU A 281 9.47 15.49 -6.15
C LEU A 281 8.08 15.93 -5.65
N ILE A 282 7.13 15.01 -5.56
CA ILE A 282 5.77 15.33 -5.11
C ILE A 282 5.70 15.78 -3.66
N ILE A 283 6.43 15.12 -2.78
CA ILE A 283 6.35 15.47 -1.38
C ILE A 283 7.18 16.70 -1.08
N ALA A 284 8.25 16.91 -1.86
CA ALA A 284 9.12 18.05 -1.65
C ALA A 284 8.37 19.31 -1.99
N GLY A 285 7.60 19.24 -3.06
CA GLY A 285 6.81 20.37 -3.51
C GLY A 285 5.68 20.67 -2.55
N THR A 286 4.89 19.66 -2.23
CA THR A 286 3.66 19.84 -1.49
C THR A 286 3.88 20.21 -0.01
N GLU A 287 4.79 19.52 0.67
CA GLU A 287 5.06 19.82 2.07
C GLU A 287 5.48 21.25 2.28
N THR A 288 6.48 21.67 1.52
CA THR A 288 7.14 22.92 1.75
C THR A 288 6.27 24.12 1.26
N THR A 289 5.98 24.18 -0.03
CA THR A 289 5.23 25.30 -0.56
C THR A 289 3.92 25.52 0.20
N THR A 290 3.17 24.44 0.43
CA THR A 290 1.92 24.54 1.20
C THR A 290 2.17 25.26 2.52
N ASN A 291 3.20 24.85 3.24
CA ASN A 291 3.44 25.39 4.56
C ASN A 291 3.83 26.84 4.53
N VAL A 292 4.68 27.22 3.58
CA VAL A 292 4.98 28.65 3.39
C VAL A 292 3.69 29.49 3.33
N LEU A 293 2.76 29.06 2.46
CA LEU A 293 1.49 29.75 2.30
C LEU A 293 0.69 29.73 3.59
N ARG A 294 0.73 28.61 4.31
CA ARG A 294 -0.05 28.51 5.55
C ARG A 294 0.48 29.45 6.62
N TRP A 295 1.82 29.54 6.75
CA TRP A 295 2.43 30.54 7.63
C TRP A 295 2.10 31.98 7.20
N ALA A 296 2.09 32.23 5.89
CA ALA A 296 1.88 33.58 5.38
C ALA A 296 0.47 34.02 5.72
N ILE A 297 -0.49 33.15 5.43
CA ILE A 297 -1.89 33.45 5.73
C ILE A 297 -2.01 33.71 7.22
N LEU A 298 -1.44 32.83 8.04
CA LEU A 298 -1.50 33.02 9.50
C LEU A 298 -1.03 34.44 9.87
N PHE A 299 0.12 34.84 9.37
CA PHE A 299 0.68 36.14 9.70
C PHE A 299 -0.11 37.34 9.15
N MET A 300 -0.75 37.18 7.99
CA MET A 300 -1.56 38.27 7.44
C MET A 300 -2.84 38.49 8.27
N ALA A 301 -3.42 37.42 8.80
CA ALA A 301 -4.59 37.54 9.69
C ALA A 301 -4.18 38.08 11.06
N LEU A 302 -2.98 37.72 11.51
CA LEU A 302 -2.43 38.22 12.76
C LEU A 302 -2.14 39.71 12.73
N TYR A 303 -1.61 40.18 11.58
CA TYR A 303 -1.14 41.59 11.37
C TYR A 303 -1.84 42.25 10.17
N PRO A 304 -3.14 42.62 10.33
CA PRO A 304 -3.95 43.25 9.28
C PRO A 304 -3.31 44.48 8.62
N ASN A 305 -2.56 45.28 9.37
CA ASN A 305 -1.86 46.43 8.75
C ASN A 305 -0.90 46.02 7.67
N ILE A 306 -0.26 44.86 7.86
CA ILE A 306 0.66 44.32 6.86
C ILE A 306 -0.14 43.72 5.69
N GLN A 307 -1.20 42.97 6.01
CA GLN A 307 -2.10 42.45 5.00
C GLN A 307 -2.61 43.56 4.06
N GLY A 308 -3.10 44.63 4.67
CA GLY A 308 -3.62 45.78 3.97
C GLY A 308 -2.62 46.46 3.09
N GLN A 309 -1.35 46.55 3.50
CA GLN A 309 -0.30 47.13 2.64
C GLN A 309 0.02 46.32 1.40
N VAL A 310 -0.07 44.98 1.52
CA VAL A 310 0.12 44.10 0.40
C VAL A 310 -1.04 44.35 -0.54
N GLN A 311 -2.26 44.33 0.02
CA GLN A 311 -3.50 44.56 -0.76
C GLN A 311 -3.52 45.91 -1.47
N LYS A 312 -3.00 46.95 -0.82
CA LYS A 312 -2.85 48.28 -1.45
C LYS A 312 -1.95 48.23 -2.69
N GLU A 313 -0.84 47.53 -2.55
CA GLU A 313 0.10 47.32 -3.65
C GLU A 313 -0.54 46.50 -4.80
N ILE A 314 -1.31 45.47 -4.46
CA ILE A 314 -1.99 44.64 -5.46
C ILE A 314 -2.89 45.51 -6.33
N ASP A 315 -3.71 46.34 -5.67
CA ASP A 315 -4.65 47.21 -6.37
C ASP A 315 -3.95 48.26 -7.25
N LEU A 316 -2.85 48.83 -6.77
CA LEU A 316 -2.12 49.79 -7.58
C LEU A 316 -1.63 49.10 -8.87
N ILE A 317 -0.99 47.93 -8.72
CA ILE A 317 -0.32 47.29 -9.84
C ILE A 317 -1.24 46.38 -10.62
N MET A 318 -2.00 45.53 -9.94
CA MET A 318 -2.88 44.56 -10.61
C MET A 318 -4.29 45.05 -10.76
N GLY A 319 -4.67 46.08 -10.02
CA GLY A 319 -6.07 46.53 -10.00
C GLY A 319 -6.95 45.57 -9.21
N PRO A 320 -8.24 45.89 -9.10
CA PRO A 320 -9.20 45.03 -8.36
C PRO A 320 -9.49 43.66 -9.01
N ASN A 321 -9.46 43.60 -10.35
CA ASN A 321 -9.82 42.38 -11.12
C ASN A 321 -8.79 41.96 -12.16
N GLY A 322 -7.58 42.50 -12.09
CA GLY A 322 -6.52 42.11 -13.03
C GLY A 322 -6.00 40.73 -12.67
N LYS A 323 -5.60 39.98 -13.69
CA LYS A 323 -4.97 38.70 -13.48
C LYS A 323 -3.56 38.94 -12.98
N PRO A 324 -3.22 38.37 -11.81
CA PRO A 324 -1.86 38.39 -11.34
C PRO A 324 -0.89 37.80 -12.37
N SER A 325 0.34 38.26 -12.31
CA SER A 325 1.32 37.83 -13.26
C SER A 325 2.70 37.80 -12.63
N TRP A 326 3.50 36.82 -13.01
CA TRP A 326 4.88 36.73 -12.59
C TRP A 326 5.64 38.00 -12.96
N ASP A 327 5.31 38.59 -14.11
CA ASP A 327 5.96 39.81 -14.59
C ASP A 327 5.68 41.00 -13.68
N ASP A 328 4.56 40.99 -12.98
CA ASP A 328 4.23 42.03 -11.98
C ASP A 328 5.16 42.04 -10.75
N LYS A 329 5.82 40.93 -10.45
CA LYS A 329 6.65 40.79 -9.23
C LYS A 329 7.47 42.02 -8.91
N CYS A 330 8.28 42.45 -9.87
CA CYS A 330 9.26 43.52 -9.65
C CYS A 330 8.63 44.95 -9.48
N LYS A 331 7.35 45.09 -9.77
CA LYS A 331 6.58 46.28 -9.37
C LYS A 331 5.87 46.12 -8.01
N MET A 332 6.23 45.07 -7.24
CA MET A 332 5.56 44.77 -5.97
C MET A 332 6.56 44.34 -4.88
N PRO A 333 7.50 45.25 -4.53
CA PRO A 333 8.56 44.97 -3.57
C PRO A 333 8.04 44.62 -2.18
N TYR A 334 6.95 45.26 -1.77
CA TYR A 334 6.41 44.99 -0.44
C TYR A 334 5.88 43.58 -0.35
N THR A 335 5.21 43.12 -1.40
CA THR A 335 4.71 41.74 -1.45
C THR A 335 5.86 40.76 -1.42
N GLU A 336 6.87 41.02 -2.23
CA GLU A 336 8.04 40.19 -2.24
C GLU A 336 8.73 40.23 -0.88
N ALA A 337 8.73 41.40 -0.23
CA ALA A 337 9.32 41.55 1.13
C ALA A 337 8.62 40.64 2.14
N VAL A 338 7.29 40.67 2.15
CA VAL A 338 6.53 39.88 3.09
C VAL A 338 6.86 38.41 2.89
N LEU A 339 6.78 37.95 1.65
CA LEU A 339 7.06 36.55 1.32
C LEU A 339 8.46 36.12 1.78
N HIS A 340 9.48 36.92 1.49
CA HIS A 340 10.83 36.60 1.97
C HIS A 340 10.96 36.59 3.48
N GLU A 341 10.21 37.47 4.14
CA GLU A 341 10.26 37.55 5.58
C GLU A 341 9.52 36.38 6.25
N VAL A 342 8.54 35.80 5.57
CA VAL A 342 7.94 34.54 6.01
C VAL A 342 8.96 33.36 5.89
N LEU A 343 9.65 33.28 4.76
CA LEU A 343 10.70 32.26 4.57
C LEU A 343 11.76 32.37 5.63
N ARG A 344 12.23 33.60 5.87
CA ARG A 344 13.25 33.85 6.90
C ARG A 344 12.78 33.58 8.32
N PHE A 345 11.56 33.97 8.64
CA PHE A 345 11.10 33.96 10.02
C PHE A 345 10.46 32.64 10.44
N CYS A 346 9.88 31.90 9.52
CA CYS A 346 9.20 30.64 9.86
C CYS A 346 10.02 29.40 9.59
N ASN A 347 11.01 29.52 8.74
CA ASN A 347 11.93 28.42 8.49
C ASN A 347 11.18 27.12 8.28
N ILE A 348 10.52 27.02 7.12
CA ILE A 348 9.73 25.88 6.79
C ILE A 348 10.60 24.60 6.80
N VAL A 349 11.84 24.68 6.28
CA VAL A 349 12.80 23.57 6.40
C VAL A 349 13.95 24.01 7.31
N PRO A 350 13.76 23.90 8.64
CA PRO A 350 14.65 24.53 9.60
C PRO A 350 16.07 23.97 9.60
N LEU A 351 16.21 22.64 9.43
CA LEU A 351 17.53 21.96 9.43
C LEU A 351 17.85 21.36 8.06
N GLY A 352 17.23 21.93 7.04
CA GLY A 352 17.41 21.41 5.69
C GLY A 352 17.12 19.93 5.60
N ILE A 353 17.81 19.27 4.67
CA ILE A 353 17.81 17.84 4.55
C ILE A 353 19.22 17.46 4.93
N PHE A 354 19.38 16.45 5.78
CA PHE A 354 20.69 16.10 6.35
C PHE A 354 21.66 15.85 5.24
N HIS A 355 22.88 16.34 5.40
CA HIS A 355 23.96 16.02 4.48
C HIS A 355 24.88 15.00 5.11
N ALA A 356 25.87 14.57 4.34
CA ALA A 356 26.95 13.74 4.83
C ALA A 356 28.20 14.06 4.02
N THR A 357 29.38 13.80 4.61
CA THR A 357 30.65 14.00 3.91
C THR A 357 30.92 12.84 2.99
N SER A 358 31.30 13.15 1.75
CA SER A 358 31.61 12.14 0.72
C SER A 358 33.05 11.66 0.78
N GLU A 359 33.83 12.28 1.66
CA GLU A 359 35.19 11.85 1.97
C GLU A 359 35.67 12.55 3.23
N ASP A 360 36.76 12.07 3.82
CA ASP A 360 37.36 12.70 5.00
C ASP A 360 37.52 14.21 4.75
N ALA A 361 37.02 15.02 5.68
CA ALA A 361 36.94 16.47 5.49
C ALA A 361 37.68 17.19 6.59
N VAL A 362 38.19 18.38 6.27
CA VAL A 362 38.81 19.26 7.29
C VAL A 362 38.21 20.66 7.16
N VAL A 363 37.47 21.07 8.19
CA VAL A 363 36.85 22.37 8.18
C VAL A 363 37.23 23.14 9.41
N ARG A 364 37.88 24.29 9.20
CA ARG A 364 38.27 25.17 10.30
C ARG A 364 39.01 24.43 11.39
N GLY A 365 39.97 23.61 10.98
CA GLY A 365 40.81 22.88 11.92
C GLY A 365 40.27 21.53 12.36
N TYR A 366 38.95 21.40 12.41
CA TYR A 366 38.31 20.15 12.83
C TYR A 366 38.28 19.15 11.72
N SER A 367 38.47 17.88 12.09
CA SER A 367 38.38 16.78 11.12
C SER A 367 36.97 16.18 11.13
N ILE A 368 36.46 15.87 9.94
CA ILE A 368 35.13 15.23 9.80
C ILE A 368 35.26 13.97 8.92
N PRO A 369 35.18 12.79 9.55
CA PRO A 369 35.38 11.56 8.79
C PRO A 369 34.28 11.30 7.78
N LYS A 370 34.67 10.76 6.63
CA LYS A 370 33.73 10.34 5.58
C LYS A 370 32.47 9.62 6.12
N GLY A 371 31.28 10.02 5.64
CA GLY A 371 30.02 9.42 6.10
C GLY A 371 29.34 10.09 7.31
N THR A 372 30.02 11.02 8.00
CA THR A 372 29.40 11.71 9.14
C THR A 372 28.15 12.47 8.71
N THR A 373 27.06 12.34 9.48
CA THR A 373 25.88 13.16 9.22
C THR A 373 26.29 14.59 9.47
N VAL A 374 25.92 15.49 8.55
CA VAL A 374 26.16 16.93 8.70
C VAL A 374 24.83 17.63 8.62
N ILE A 375 24.42 18.27 9.72
CA ILE A 375 23.18 19.05 9.78
C ILE A 375 23.48 20.53 9.50
N THR A 376 22.84 21.09 8.49
CA THR A 376 22.94 22.50 8.21
C THR A 376 21.76 23.16 8.90
N ASN A 377 22.04 23.94 9.95
CA ASN A 377 21.00 24.58 10.74
C ASN A 377 20.61 25.91 10.08
N LEU A 378 19.78 25.81 9.04
CA LEU A 378 19.36 26.97 8.25
C LEU A 378 18.61 28.02 9.09
N TYR A 379 17.88 27.57 10.09
CA TYR A 379 17.29 28.46 11.10
C TYR A 379 18.31 29.41 11.70
N SER A 380 19.46 28.87 12.09
CA SER A 380 20.53 29.66 12.67
C SER A 380 21.17 30.63 11.68
N VAL A 381 21.02 30.40 10.37
CA VAL A 381 21.52 31.37 9.38
C VAL A 381 20.57 32.57 9.31
N HIS A 382 19.28 32.27 9.35
CA HIS A 382 18.25 33.28 9.28
C HIS A 382 18.13 34.08 10.57
N PHE A 383 18.70 33.56 11.65
CA PHE A 383 18.76 34.28 12.92
C PHE A 383 20.22 34.63 13.29
N ASP A 384 21.11 34.62 12.30
CA ASP A 384 22.50 34.97 12.52
C ASP A 384 22.62 36.48 12.69
N GLU A 385 22.95 36.90 13.90
CA GLU A 385 22.93 38.31 14.25
C GLU A 385 24.06 39.07 13.60
N LYS A 386 25.07 38.37 13.12
CA LYS A 386 26.10 39.00 12.29
C LYS A 386 25.54 39.59 10.99
N TYR A 387 24.45 39.02 10.47
CA TYR A 387 23.87 39.47 9.20
C TYR A 387 22.44 39.97 9.27
N TRP A 388 21.76 39.82 10.41
CA TRP A 388 20.38 40.30 10.55
C TRP A 388 20.20 41.15 11.81
N ARG A 389 19.44 42.24 11.70
CA ARG A 389 19.16 43.14 12.82
C ARG A 389 17.93 42.68 13.53
N ASP A 390 18.07 42.27 14.77
CA ASP A 390 16.91 41.83 15.58
C ASP A 390 16.11 40.77 14.82
N PRO A 391 16.76 39.63 14.50
CA PRO A 391 16.15 38.55 13.73
C PRO A 391 14.97 37.88 14.40
N GLU A 392 14.77 38.14 15.69
CA GLU A 392 13.64 37.57 16.42
C GLU A 392 12.32 38.31 16.14
N VAL A 393 12.38 39.37 15.34
CA VAL A 393 11.19 40.19 15.01
C VAL A 393 10.73 39.94 13.58
N PHE A 394 9.45 39.68 13.37
CA PHE A 394 8.89 39.63 12.01
C PHE A 394 8.77 41.06 11.50
N HIS A 395 9.51 41.39 10.44
CA HIS A 395 9.58 42.76 9.96
C HIS A 395 9.94 42.83 8.48
N PRO A 396 8.94 42.73 7.60
CA PRO A 396 9.16 42.81 6.14
C PRO A 396 9.99 44.01 5.67
N GLU A 397 9.86 45.14 6.32
CA GLU A 397 10.63 46.34 5.97
C GLU A 397 12.16 46.12 5.87
N ARG A 398 12.67 45.10 6.54
CA ARG A 398 14.12 44.80 6.47
C ARG A 398 14.60 44.38 5.06
N PHE A 399 13.66 43.96 4.21
CA PHE A 399 13.98 43.61 2.83
C PHE A 399 13.79 44.78 1.86
N LEU A 400 13.47 45.96 2.37
CA LEU A 400 13.32 47.13 1.49
C LEU A 400 14.53 48.03 1.59
N ASP A 401 14.99 48.53 0.44
CA ASP A 401 16.08 49.51 0.40
C ASP A 401 15.49 50.90 0.56
N SER A 402 16.34 51.93 0.62
CA SER A 402 15.85 53.32 0.89
C SER A 402 14.95 53.91 -0.18
N SER A 403 14.81 53.26 -1.33
CA SER A 403 13.87 53.68 -2.36
C SER A 403 12.62 52.82 -2.33
N GLY A 404 12.55 51.86 -1.42
CA GLY A 404 11.36 51.03 -1.25
C GLY A 404 11.29 49.86 -2.19
N TYR A 405 12.42 49.48 -2.78
CA TYR A 405 12.48 48.28 -3.62
C TYR A 405 13.00 47.06 -2.84
N PHE A 406 12.69 45.86 -3.34
CA PHE A 406 13.17 44.63 -2.70
C PHE A 406 14.70 44.47 -2.81
N ALA A 407 15.33 44.18 -1.68
CA ALA A 407 16.78 44.11 -1.56
C ALA A 407 17.17 42.70 -1.15
N LYS A 408 17.77 41.93 -2.03
CA LYS A 408 18.04 40.55 -1.71
C LYS A 408 19.27 40.40 -0.85
N LYS A 409 19.17 39.46 0.09
CA LYS A 409 20.16 39.24 1.14
C LYS A 409 20.88 37.92 0.90
N GLU A 410 22.20 37.97 0.98
CA GLU A 410 23.03 36.80 0.80
C GLU A 410 22.69 35.71 1.85
N ALA A 411 22.41 36.14 3.09
CA ALA A 411 22.23 35.22 4.21
C ALA A 411 20.79 34.75 4.40
N LEU A 412 20.00 34.79 3.31
CA LEU A 412 18.66 34.17 3.30
C LEU A 412 18.79 32.99 2.40
N VAL A 413 18.69 31.79 2.99
CA VAL A 413 18.97 30.54 2.27
C VAL A 413 17.94 29.43 2.57
N PRO A 414 16.66 29.75 2.45
CA PRO A 414 15.62 28.76 2.79
C PRO A 414 15.51 27.59 1.79
N PHE A 415 16.16 27.73 0.64
CA PHE A 415 16.29 26.64 -0.34
C PHE A 415 17.72 26.03 -0.28
N SER A 416 18.43 26.31 0.81
CA SER A 416 19.77 25.81 1.04
C SER A 416 20.76 26.31 0.00
N LEU A 417 21.94 25.69 -0.07
CA LEU A 417 23.02 26.11 -0.96
C LEU A 417 23.80 24.91 -1.47
N GLY A 418 24.61 25.16 -2.50
CA GLY A 418 25.56 24.17 -2.98
C GLY A 418 24.93 23.24 -3.98
N ARG A 419 25.55 22.09 -4.14
CA ARG A 419 25.19 21.13 -5.18
C ARG A 419 23.79 20.60 -5.00
N ARG A 420 23.34 20.53 -3.75
CA ARG A 420 22.04 19.92 -3.44
C ARG A 420 20.90 20.88 -3.28
N HIS A 421 21.10 22.15 -3.61
CA HIS A 421 20.12 23.18 -3.31
C HIS A 421 18.77 22.87 -3.93
N CYS A 422 17.71 23.41 -3.34
CA CYS A 422 16.39 23.11 -3.84
C CYS A 422 16.35 23.21 -5.35
N LEU A 423 15.84 22.16 -5.91
CA LEU A 423 15.70 21.96 -7.32
C LEU A 423 14.49 22.69 -7.83
N GLY A 424 13.58 23.02 -6.93
CA GLY A 424 12.30 23.59 -7.28
C GLY A 424 12.17 25.05 -6.88
N GLU A 425 13.31 25.68 -6.54
CA GLU A 425 13.29 27.04 -6.01
C GLU A 425 12.41 27.92 -6.88
N HIS A 426 12.77 28.03 -8.15
CA HIS A 426 12.04 28.88 -9.07
C HIS A 426 10.54 28.59 -9.11
N LEU A 427 10.19 27.32 -9.28
CA LEU A 427 8.76 26.93 -9.30
C LEU A 427 8.04 27.37 -8.02
N ALA A 428 8.68 27.16 -6.88
CA ALA A 428 8.10 27.52 -5.58
C ALA A 428 7.79 29.01 -5.49
N ARG A 429 8.69 29.82 -6.05
CA ARG A 429 8.59 31.26 -5.94
C ARG A 429 7.41 31.77 -6.74
N MET A 430 7.22 31.22 -7.94
CA MET A 430 6.07 31.54 -8.77
C MET A 430 4.77 31.10 -8.11
N GLU A 431 4.75 29.85 -7.64
CA GLU A 431 3.58 29.35 -6.92
C GLU A 431 3.26 30.28 -5.77
N MET A 432 4.22 30.52 -4.89
CA MET A 432 4.02 31.38 -3.73
C MET A 432 3.40 32.73 -4.10
N PHE A 433 4.08 33.45 -4.97
CA PHE A 433 3.67 34.78 -5.39
C PHE A 433 2.29 34.78 -6.01
N LEU A 434 2.07 33.89 -6.97
CA LEU A 434 0.81 33.87 -7.69
C LEU A 434 -0.35 33.45 -6.80
N PHE A 435 -0.12 32.53 -5.86
CA PHE A 435 -1.20 32.06 -4.97
C PHE A 435 -1.54 33.10 -3.90
N PHE A 436 -0.51 33.64 -3.27
CA PHE A 436 -0.62 34.72 -2.28
C PHE A 436 -1.32 35.97 -2.81
N THR A 437 -0.92 36.41 -4.00
CA THR A 437 -1.52 37.60 -4.64
C THR A 437 -2.94 37.31 -5.08
N ALA A 438 -3.15 36.20 -5.74
CA ALA A 438 -4.51 35.85 -6.16
C ALA A 438 -5.47 35.81 -4.95
N LEU A 439 -5.03 35.19 -3.86
CA LEU A 439 -5.81 35.09 -2.63
C LEU A 439 -6.06 36.47 -2.00
N LEU A 440 -5.00 37.23 -1.76
CA LEU A 440 -5.17 38.54 -1.10
C LEU A 440 -5.91 39.58 -1.98
N GLN A 441 -5.88 39.39 -3.30
CA GLN A 441 -6.63 40.27 -4.21
C GLN A 441 -8.13 40.11 -4.04
N ARG A 442 -8.55 38.89 -3.79
CA ARG A 442 -9.96 38.59 -3.74
C ARG A 442 -10.55 38.64 -2.34
N PHE A 443 -9.73 38.40 -1.31
CA PHE A 443 -10.27 38.24 0.05
C PHE A 443 -9.58 39.08 1.13
N HIS A 444 -10.34 39.34 2.19
CA HIS A 444 -9.81 39.84 3.44
C HIS A 444 -9.76 38.66 4.41
N LEU A 445 -8.62 38.50 5.09
CA LEU A 445 -8.40 37.37 5.97
C LEU A 445 -8.30 37.78 7.42
N HIS A 446 -9.14 37.20 8.28
CA HIS A 446 -9.08 37.44 9.73
C HIS A 446 -9.54 36.20 10.47
N PHE A 447 -9.27 36.15 11.78
CA PHE A 447 -9.69 35.02 12.62
C PHE A 447 -11.15 35.20 13.14
N PRO A 448 -11.82 34.07 13.50
CA PRO A 448 -13.15 34.09 14.12
C PRO A 448 -13.14 34.65 15.53
N HIS A 449 -14.18 35.43 15.89
CA HIS A 449 -14.29 36.06 17.22
C HIS A 449 -12.89 36.48 17.71
N GLU A 450 -12.13 37.08 16.80
CA GLU A 450 -10.67 37.36 16.94
C GLU A 450 -9.90 36.36 17.83
N LEU A 451 -10.13 35.05 17.63
CA LEU A 451 -9.50 34.00 18.45
C LEU A 451 -8.00 34.17 18.58
N VAL A 452 -7.47 33.82 19.75
CA VAL A 452 -6.02 33.87 20.00
C VAL A 452 -5.38 32.65 19.30
N PRO A 453 -4.62 32.88 18.22
CA PRO A 453 -4.03 31.75 17.48
C PRO A 453 -2.65 31.34 18.04
N ASP A 454 -2.30 30.06 17.88
CA ASP A 454 -1.01 29.50 18.35
C ASP A 454 0.07 29.56 17.26
N LEU A 455 1.21 30.20 17.55
CA LEU A 455 2.32 30.33 16.58
C LEU A 455 3.51 29.38 16.85
N LYS A 456 3.38 28.53 17.86
CA LYS A 456 4.41 27.54 18.13
C LYS A 456 4.33 26.46 17.04
N PRO A 457 5.42 26.28 16.26
CA PRO A 457 5.38 25.29 15.21
C PRO A 457 5.29 23.85 15.70
N ARG A 458 4.92 22.99 14.78
CA ARG A 458 4.80 21.58 14.99
C ARG A 458 6.15 20.95 14.63
N LEU A 459 6.70 20.15 15.54
CA LEU A 459 7.94 19.38 15.29
C LEU A 459 7.82 18.42 14.06
N GLY A 460 8.62 18.70 13.03
CA GLY A 460 8.80 17.77 11.89
C GLY A 460 10.05 18.18 11.09
N MET A 461 10.34 17.47 10.00
CA MET A 461 11.41 17.88 9.06
C MET A 461 11.07 19.21 8.40
N THR A 462 9.78 19.53 8.39
CA THR A 462 9.34 20.85 8.04
C THR A 462 8.47 21.43 9.17
N LEU A 463 8.42 22.76 9.25
CA LEU A 463 7.67 23.42 10.29
C LEU A 463 6.37 23.86 9.71
N GLN A 464 5.27 23.38 10.28
CA GLN A 464 3.96 23.88 9.91
C GLN A 464 3.23 24.37 11.16
N PRO A 465 2.25 25.24 10.99
CA PRO A 465 1.53 25.72 12.14
C PRO A 465 0.48 24.74 12.61
N GLN A 466 0.00 24.94 13.83
CA GLN A 466 -1.11 24.15 14.36
C GLN A 466 -2.36 24.47 13.55
N PRO A 467 -3.35 23.58 13.57
CA PRO A 467 -4.56 23.89 12.82
C PRO A 467 -5.17 25.20 13.29
N TYR A 468 -5.52 26.06 12.34
CA TYR A 468 -6.20 27.31 12.66
C TYR A 468 -7.29 27.57 11.63
N LEU A 469 -8.41 28.06 12.11
CA LEU A 469 -9.51 28.43 11.27
C LEU A 469 -9.26 29.84 10.79
N ILE A 470 -9.75 30.15 9.59
CA ILE A 470 -9.63 31.49 9.02
C ILE A 470 -10.87 31.90 8.23
N CYS A 471 -11.19 33.19 8.24
CA CYS A 471 -12.34 33.72 7.51
C CYS A 471 -11.89 34.51 6.32
N ALA A 472 -12.45 34.18 5.16
CA ALA A 472 -12.10 34.81 3.93
C ALA A 472 -13.36 35.46 3.40
N GLU A 473 -13.41 36.80 3.44
CA GLU A 473 -14.56 37.56 2.93
C GLU A 473 -14.11 38.37 1.73
N ARG A 474 -14.92 38.37 0.68
CA ARG A 474 -14.56 39.05 -0.58
C ARG A 474 -14.48 40.57 -0.37
N ARG A 475 -13.60 41.22 -1.14
CA ARG A 475 -13.16 42.59 -0.85
C ARG A 475 -13.91 43.74 -1.57
N HIS A 476 -14.29 43.52 -2.81
CA HIS A 476 -14.80 44.60 -3.66
C HIS A 476 -16.31 44.59 -3.73
N PHE B 13 2.55 -38.28 22.67
CA PHE B 13 2.67 -37.42 21.43
C PHE B 13 3.14 -38.24 20.22
N PRO B 14 2.48 -38.06 19.06
CA PRO B 14 2.75 -38.84 17.83
C PRO B 14 4.19 -38.78 17.36
N PRO B 15 4.67 -39.86 16.72
CA PRO B 15 6.05 -39.88 16.22
C PRO B 15 6.12 -39.12 14.93
N GLY B 16 7.31 -38.65 14.57
CA GLY B 16 7.49 -37.94 13.30
C GLY B 16 8.89 -38.00 12.77
N PRO B 17 9.08 -37.58 11.50
CA PRO B 17 10.42 -37.69 10.92
C PRO B 17 11.40 -36.81 11.65
N PRO B 18 12.63 -37.30 11.82
CA PRO B 18 13.64 -36.46 12.42
C PRO B 18 14.03 -35.35 11.42
N GLY B 19 14.29 -34.15 11.95
CA GLY B 19 14.73 -33.03 11.14
C GLY B 19 16.05 -32.51 11.67
N LEU B 20 16.43 -31.34 11.22
CA LEU B 20 17.67 -30.73 11.66
C LEU B 20 17.45 -30.11 13.02
N PRO B 21 18.54 -29.79 13.73
CA PRO B 21 18.35 -29.05 14.97
C PRO B 21 17.85 -27.63 14.69
N PHE B 22 16.99 -27.12 15.58
CA PHE B 22 16.40 -25.77 15.53
C PHE B 22 15.29 -25.62 14.48
N ILE B 23 15.64 -25.72 13.19
CA ILE B 23 14.68 -25.54 12.09
C ILE B 23 13.70 -26.73 11.96
N GLY B 24 14.09 -27.90 12.49
CA GLY B 24 13.28 -29.10 12.41
C GLY B 24 12.97 -29.52 10.99
N ASN B 25 11.70 -29.79 10.70
CA ASN B 25 11.28 -30.27 9.38
C ASN B 25 10.97 -29.17 8.37
N ILE B 26 11.03 -27.89 8.76
CA ILE B 26 10.61 -26.77 7.88
C ILE B 26 11.08 -26.87 6.42
N TYR B 27 12.32 -27.26 6.18
CA TYR B 27 12.86 -27.17 4.82
C TYR B 27 12.62 -28.42 3.98
N SER B 28 12.42 -29.56 4.61
CA SER B 28 11.96 -30.74 3.91
C SER B 28 10.52 -30.51 3.41
N LEU B 29 9.72 -29.87 4.26
CA LEU B 29 8.32 -29.58 3.97
C LEU B 29 8.16 -28.54 2.84
N ALA B 30 8.59 -27.31 3.12
CA ALA B 30 8.21 -26.12 2.34
C ALA B 30 9.15 -25.78 1.18
N ALA B 31 10.31 -26.43 1.13
CA ALA B 31 11.38 -25.98 0.21
C ALA B 31 12.02 -27.06 -0.67
N SER B 32 11.48 -28.29 -0.68
CA SER B 32 11.99 -29.34 -1.58
C SER B 32 11.18 -29.37 -2.90
N SER B 33 11.53 -30.31 -3.79
CA SER B 33 10.82 -30.47 -5.09
C SER B 33 9.40 -31.04 -4.88
N GLU B 34 9.24 -31.97 -3.95
CA GLU B 34 7.90 -32.41 -3.52
C GLU B 34 7.18 -31.28 -2.83
N LEU B 35 5.91 -31.10 -3.17
CA LEU B 35 5.06 -30.14 -2.50
C LEU B 35 4.66 -30.70 -1.11
N PRO B 36 4.36 -29.81 -0.16
CA PRO B 36 4.13 -30.20 1.23
C PRO B 36 3.17 -31.36 1.46
N HIS B 37 2.02 -31.34 0.79
CA HIS B 37 0.98 -32.38 0.93
C HIS B 37 1.44 -33.78 0.44
N VAL B 38 2.30 -33.80 -0.58
CA VAL B 38 2.92 -35.02 -1.08
C VAL B 38 3.92 -35.52 -0.05
N TYR B 39 4.78 -34.62 0.43
CA TYR B 39 5.68 -34.94 1.54
C TYR B 39 4.92 -35.60 2.70
N MET B 40 3.85 -34.98 3.15
CA MET B 40 3.13 -35.44 4.34
C MET B 40 2.47 -36.78 4.15
N ARG B 41 2.11 -37.10 2.92
CA ARG B 41 1.49 -38.36 2.62
C ARG B 41 2.53 -39.49 2.65
N LYS B 42 3.76 -39.19 2.24
CA LYS B 42 4.85 -40.16 2.33
C LYS B 42 5.27 -40.47 3.78
N GLN B 43 5.35 -39.43 4.62
CA GLN B 43 5.63 -39.60 6.05
C GLN B 43 4.51 -40.35 6.74
N SER B 44 3.30 -40.28 6.20
CA SER B 44 2.17 -41.01 6.79
C SER B 44 2.30 -42.49 6.47
N GLN B 45 2.82 -42.81 5.30
CA GLN B 45 3.02 -44.22 4.91
C GLN B 45 4.14 -44.92 5.72
N VAL B 46 4.83 -44.17 6.59
CA VAL B 46 5.89 -44.72 7.45
C VAL B 46 5.48 -44.63 8.92
N TYR B 47 4.98 -43.47 9.36
CA TYR B 47 4.60 -43.25 10.77
C TYR B 47 3.11 -43.43 11.04
N GLY B 48 2.30 -43.57 9.99
CA GLY B 48 0.87 -43.77 10.14
C GLY B 48 0.01 -42.53 9.96
N GLU B 49 -1.27 -42.71 10.26
CA GLU B 49 -2.31 -41.74 9.92
C GLU B 49 -2.19 -40.42 10.67
N ILE B 50 -1.86 -40.48 11.95
CA ILE B 50 -1.50 -39.28 12.71
C ILE B 50 0.00 -39.30 13.04
N PHE B 51 0.74 -38.33 12.51
CA PHE B 51 2.17 -38.15 12.84
C PHE B 51 2.45 -36.69 13.18
N SER B 52 3.68 -36.39 13.58
CA SER B 52 4.01 -35.02 14.01
C SER B 52 5.16 -34.43 13.23
N LEU B 53 5.26 -33.11 13.30
CA LEU B 53 6.29 -32.37 12.62
C LEU B 53 6.77 -31.30 13.55
N ASP B 54 8.08 -31.07 13.52
CA ASP B 54 8.71 -30.00 14.27
C ASP B 54 8.98 -28.81 13.32
N LEU B 55 8.21 -27.75 13.47
CA LEU B 55 8.28 -26.61 12.56
C LEU B 55 8.85 -25.42 13.28
N GLY B 56 10.18 -25.34 13.31
CA GLY B 56 10.86 -24.43 14.22
C GLY B 56 10.81 -25.14 15.54
N GLY B 57 10.17 -24.53 16.53
CA GLY B 57 9.88 -25.25 17.77
C GLY B 57 8.40 -25.42 17.95
N ILE B 58 7.65 -25.18 16.88
CA ILE B 58 6.20 -25.19 16.95
C ILE B 58 5.74 -26.62 16.74
N SER B 59 5.06 -27.14 17.75
CA SER B 59 4.64 -28.50 17.73
C SER B 59 3.41 -28.61 16.85
N THR B 60 3.52 -29.41 15.79
CA THR B 60 2.42 -29.54 14.85
C THR B 60 2.12 -31.02 14.56
N VAL B 61 0.84 -31.33 14.43
CA VAL B 61 0.38 -32.70 14.14
C VAL B 61 -0.26 -32.73 12.75
N VAL B 62 -0.02 -33.79 11.98
CA VAL B 62 -0.68 -33.93 10.66
C VAL B 62 -1.67 -35.10 10.68
N LEU B 63 -2.92 -34.84 10.25
CA LEU B 63 -3.94 -35.90 10.06
C LEU B 63 -4.02 -36.37 8.59
N ASN B 64 -4.04 -37.68 8.38
CA ASN B 64 -4.02 -38.25 7.03
C ASN B 64 -5.06 -39.34 6.85
N GLY B 65 -5.70 -39.35 5.67
CA GLY B 65 -6.77 -40.28 5.38
C GLY B 65 -8.08 -39.79 5.97
N TYR B 66 -9.19 -40.27 5.41
CA TYR B 66 -10.51 -39.82 5.80
C TYR B 66 -10.83 -40.07 7.29
N ASP B 67 -10.46 -41.26 7.80
CA ASP B 67 -10.89 -41.70 9.14
C ASP B 67 -10.49 -40.73 10.24
N VAL B 68 -9.19 -40.41 10.30
CA VAL B 68 -8.67 -39.60 11.38
C VAL B 68 -9.09 -38.13 11.22
N VAL B 69 -9.16 -37.65 9.98
CA VAL B 69 -9.63 -36.30 9.71
C VAL B 69 -11.05 -36.14 10.26
N LYS B 70 -11.91 -37.13 10.00
CA LYS B 70 -13.31 -37.16 10.51
C LYS B 70 -13.37 -37.25 12.02
N GLU B 71 -12.54 -38.14 12.56
CA GLU B 71 -12.44 -38.33 14.00
C GLU B 71 -12.24 -37.00 14.74
N CYS B 72 -11.27 -36.21 14.29
CA CYS B 72 -10.92 -34.95 14.99
C CYS B 72 -11.86 -33.80 14.64
N LEU B 73 -12.14 -33.64 13.36
CA LEU B 73 -12.91 -32.49 12.89
C LEU B 73 -14.42 -32.62 13.13
N VAL B 74 -14.95 -33.83 13.03
CA VAL B 74 -16.39 -34.06 13.24
C VAL B 74 -16.70 -34.52 14.66
N HIS B 75 -16.16 -35.68 15.05
CA HIS B 75 -16.49 -36.29 16.38
C HIS B 75 -15.94 -35.51 17.55
N GLN B 76 -14.75 -34.93 17.39
CA GLN B 76 -14.16 -34.08 18.42
C GLN B 76 -14.16 -32.62 17.96
N SER B 77 -15.15 -32.26 17.15
CA SER B 77 -15.20 -30.96 16.51
C SER B 77 -15.01 -29.76 17.45
N GLU B 78 -15.47 -29.89 18.69
CA GLU B 78 -15.41 -28.78 19.64
C GLU B 78 -14.01 -28.53 20.18
N ILE B 79 -13.14 -29.54 20.09
CA ILE B 79 -11.74 -29.40 20.53
C ILE B 79 -10.86 -28.93 19.37
N PHE B 80 -11.24 -29.29 18.15
CA PHE B 80 -10.42 -29.06 16.96
C PHE B 80 -10.89 -27.92 16.05
N ALA B 81 -11.75 -27.05 16.58
CA ALA B 81 -12.31 -25.95 15.78
C ALA B 81 -11.57 -24.64 16.01
N ASP B 82 -10.31 -24.71 16.43
CA ASP B 82 -9.57 -23.51 16.75
C ASP B 82 -8.53 -23.21 15.68
N ARG B 83 -7.94 -22.02 15.76
CA ARG B 83 -6.85 -21.61 14.85
C ARG B 83 -5.56 -21.37 15.62
N PRO B 84 -4.44 -21.80 15.05
CA PRO B 84 -3.17 -21.67 15.76
C PRO B 84 -2.72 -20.21 15.87
N CYS B 85 -2.08 -19.87 16.98
CA CYS B 85 -1.60 -18.51 17.23
C CYS B 85 -0.21 -18.30 16.69
N LEU B 86 -0.11 -18.37 15.37
CA LEU B 86 1.15 -18.15 14.71
C LEU B 86 1.37 -16.63 14.61
N PRO B 87 2.58 -16.19 14.89
CA PRO B 87 2.92 -14.79 14.75
C PRO B 87 2.32 -14.12 13.51
N LEU B 88 2.45 -14.76 12.33
CA LEU B 88 1.92 -14.17 11.07
C LEU B 88 0.42 -13.85 11.20
N PHE B 89 -0.36 -14.79 11.73
CA PHE B 89 -1.80 -14.57 11.88
C PHE B 89 -2.09 -13.51 12.91
N MET B 90 -1.39 -13.59 14.02
CA MET B 90 -1.49 -12.58 15.06
C MET B 90 -1.19 -11.19 14.49
N LYS B 91 -0.18 -11.11 13.63
CA LYS B 91 0.23 -9.86 12.99
C LYS B 91 -0.83 -9.32 12.02
N MET B 92 -1.44 -10.22 11.24
CA MET B 92 -2.35 -9.82 10.18
C MET B 92 -3.69 -9.37 10.74
N THR B 93 -4.32 -10.23 11.54
CA THR B 93 -5.70 -10.04 12.00
C THR B 93 -5.95 -10.09 13.52
N LYS B 94 -4.89 -10.27 14.30
CA LYS B 94 -5.01 -10.38 15.76
C LYS B 94 -5.92 -11.57 16.14
N MET B 95 -5.87 -12.61 15.33
CA MET B 95 -6.74 -13.74 15.51
C MET B 95 -8.24 -13.34 15.69
N GLY B 96 -8.62 -12.21 15.12
CA GLY B 96 -10.02 -11.78 15.08
C GLY B 96 -10.66 -12.14 13.73
N GLY B 97 -11.44 -11.21 13.17
CA GLY B 97 -12.16 -11.46 11.92
C GLY B 97 -12.94 -12.77 11.92
N LEU B 98 -12.67 -13.62 10.93
CA LEU B 98 -13.45 -14.82 10.68
C LEU B 98 -12.56 -16.03 10.39
N LEU B 99 -11.88 -16.02 9.25
CA LEU B 99 -11.10 -17.18 8.79
C LEU B 99 -10.01 -17.60 9.79
N ASN B 100 -9.28 -16.64 10.36
CA ASN B 100 -8.27 -16.97 11.39
C ASN B 100 -8.68 -16.59 12.81
N SER B 101 -9.97 -16.60 13.06
CA SER B 101 -10.51 -16.23 14.36
C SER B 101 -10.19 -17.32 15.33
N ARG B 102 -10.21 -16.99 16.61
CA ARG B 102 -10.15 -18.02 17.64
C ARG B 102 -11.54 -18.59 17.75
N TYR B 103 -11.65 -19.83 18.18
CA TYR B 103 -12.95 -20.39 18.42
C TYR B 103 -13.48 -19.70 19.68
N GLY B 104 -14.69 -19.18 19.60
CA GLY B 104 -15.26 -18.35 20.66
C GLY B 104 -16.35 -17.44 20.15
N ARG B 105 -16.67 -16.42 20.95
CA ARG B 105 -17.77 -15.48 20.66
C ARG B 105 -17.55 -14.71 19.36
N GLY B 106 -16.36 -14.13 19.20
CA GLY B 106 -16.00 -13.39 17.99
C GLY B 106 -16.27 -14.20 16.73
N TRP B 107 -15.82 -15.44 16.73
CA TRP B 107 -16.03 -16.31 15.59
C TRP B 107 -17.52 -16.56 15.34
N VAL B 108 -18.25 -16.97 16.36
CA VAL B 108 -19.68 -17.31 16.21
C VAL B 108 -20.43 -16.11 15.66
N ASP B 109 -20.14 -14.93 16.19
CA ASP B 109 -20.77 -13.69 15.74
C ASP B 109 -20.45 -13.38 14.26
N HIS B 110 -19.17 -13.45 13.87
CA HIS B 110 -18.77 -13.18 12.49
C HIS B 110 -19.18 -14.29 11.52
N ARG B 111 -19.04 -15.54 11.96
CA ARG B 111 -19.48 -16.70 11.15
C ARG B 111 -20.97 -16.59 10.81
N ARG B 112 -21.80 -16.34 11.82
CA ARG B 112 -23.25 -16.29 11.62
C ARG B 112 -23.67 -15.12 10.72
N LEU B 113 -23.08 -13.93 10.93
CA LEU B 113 -23.33 -12.77 10.05
C LEU B 113 -22.96 -13.04 8.58
N ALA B 114 -21.92 -13.85 8.37
CA ALA B 114 -21.46 -14.17 7.01
C ALA B 114 -22.40 -15.18 6.36
N VAL B 115 -22.69 -16.28 7.05
CA VAL B 115 -23.63 -17.27 6.52
C VAL B 115 -24.98 -16.61 6.18
N ASN B 116 -25.51 -15.81 7.09
CA ASN B 116 -26.77 -15.10 6.86
C ASN B 116 -26.72 -14.13 5.71
N SER B 117 -25.59 -13.44 5.55
CA SER B 117 -25.43 -12.40 4.53
C SER B 117 -25.31 -12.98 3.12
N PHE B 118 -24.66 -14.11 3.00
CA PHE B 118 -24.49 -14.75 1.70
C PHE B 118 -25.81 -15.31 1.21
N ARG B 119 -26.66 -15.69 2.16
CA ARG B 119 -27.99 -16.11 1.83
C ARG B 119 -28.86 -14.89 1.51
N TYR B 120 -28.92 -13.97 2.45
CA TYR B 120 -29.89 -12.88 2.38
C TYR B 120 -29.63 -11.90 1.24
N PHE B 121 -28.36 -11.62 0.96
CA PHE B 121 -27.97 -10.72 -0.13
C PHE B 121 -27.60 -11.47 -1.40
N GLY B 122 -27.42 -12.78 -1.29
CA GLY B 122 -26.97 -13.59 -2.41
C GLY B 122 -27.98 -14.60 -2.91
N TYR B 123 -27.66 -15.87 -2.76
CA TYR B 123 -28.44 -16.94 -3.41
C TYR B 123 -29.83 -17.16 -2.80
N GLY B 124 -30.12 -16.55 -1.66
CA GLY B 124 -31.48 -16.53 -1.13
C GLY B 124 -32.46 -15.61 -1.87
N GLN B 125 -31.93 -14.71 -2.73
CA GLN B 125 -32.75 -13.79 -3.55
C GLN B 125 -33.00 -14.34 -4.95
N LYS B 126 -34.16 -14.02 -5.49
CA LYS B 126 -34.66 -14.64 -6.73
C LYS B 126 -33.87 -14.19 -7.97
N SER B 127 -33.41 -12.95 -7.97
CA SER B 127 -32.68 -12.44 -9.12
C SER B 127 -31.18 -12.77 -9.10
N PHE B 128 -30.70 -13.47 -8.07
CA PHE B 128 -29.25 -13.62 -7.88
C PHE B 128 -28.62 -14.50 -8.95
N GLU B 129 -29.23 -15.64 -9.21
CA GLU B 129 -28.72 -16.51 -10.26
C GLU B 129 -28.55 -15.76 -11.60
N SER B 130 -29.45 -14.82 -11.90
CA SER B 130 -29.34 -14.08 -13.17
C SER B 130 -28.15 -13.11 -13.17
N LYS B 131 -27.77 -12.65 -11.98
CA LYS B 131 -26.58 -11.82 -11.86
C LYS B 131 -25.28 -12.63 -12.06
N ILE B 132 -25.30 -13.91 -11.69
CA ILE B 132 -24.21 -14.81 -12.06
C ILE B 132 -24.14 -14.95 -13.60
N LEU B 133 -25.29 -15.09 -14.25
CA LEU B 133 -25.34 -15.26 -15.71
C LEU B 133 -24.94 -14.00 -16.44
N GLU B 134 -25.32 -12.85 -15.92
CA GLU B 134 -24.83 -11.58 -16.45
C GLU B 134 -23.32 -11.54 -16.44
N GLU B 135 -22.73 -12.09 -15.37
CA GLU B 135 -21.28 -12.10 -15.23
C GLU B 135 -20.65 -13.04 -16.22
N THR B 136 -21.26 -14.22 -16.42
CA THR B 136 -20.75 -15.17 -17.43
C THR B 136 -20.73 -14.53 -18.80
N LYS B 137 -21.67 -13.61 -19.05
CA LYS B 137 -21.76 -12.95 -20.35
C LYS B 137 -20.63 -11.95 -20.54
N PHE B 138 -20.38 -11.11 -19.54
CA PHE B 138 -19.18 -10.24 -19.57
C PHE B 138 -17.94 -11.10 -19.78
N PHE B 139 -17.86 -12.21 -19.05
CA PHE B 139 -16.73 -13.15 -19.14
C PHE B 139 -16.55 -13.63 -20.56
N ASN B 140 -17.61 -14.20 -21.13
CA ASN B 140 -17.55 -14.82 -22.46
C ASN B 140 -17.31 -13.83 -23.61
N ASP B 141 -17.84 -12.61 -23.47
CA ASP B 141 -17.65 -11.60 -24.49
C ASP B 141 -16.20 -11.21 -24.52
N ALA B 142 -15.64 -11.00 -23.33
CA ALA B 142 -14.23 -10.67 -23.17
C ALA B 142 -13.36 -11.76 -23.80
N ILE B 143 -13.73 -13.02 -23.62
CA ILE B 143 -13.01 -14.11 -24.26
C ILE B 143 -13.09 -14.01 -25.78
N GLU B 144 -14.28 -13.73 -26.31
CA GLU B 144 -14.44 -13.66 -27.76
C GLU B 144 -13.67 -12.48 -28.39
N THR B 145 -13.38 -11.42 -27.61
CA THR B 145 -12.54 -10.34 -28.16
C THR B 145 -11.16 -10.86 -28.59
N TYR B 146 -10.66 -11.92 -27.99
CA TYR B 146 -9.37 -12.53 -28.42
C TYR B 146 -9.43 -13.28 -29.76
N LYS B 147 -10.63 -13.52 -30.26
CA LYS B 147 -10.86 -14.13 -31.57
C LYS B 147 -9.96 -15.33 -31.85
N GLY B 148 -9.94 -16.28 -30.92
CA GLY B 148 -9.27 -17.56 -31.13
C GLY B 148 -7.79 -17.61 -30.81
N ARG B 149 -7.16 -16.43 -30.70
CA ARG B 149 -5.72 -16.33 -30.40
C ARG B 149 -5.45 -16.75 -28.98
N PRO B 150 -4.28 -17.33 -28.73
CA PRO B 150 -4.00 -17.91 -27.43
C PRO B 150 -3.75 -16.81 -26.38
N PHE B 151 -4.28 -17.00 -25.18
CA PHE B 151 -4.07 -16.07 -24.09
C PHE B 151 -4.26 -16.79 -22.75
N ASP B 152 -3.98 -16.07 -21.67
CA ASP B 152 -4.03 -16.61 -20.30
C ASP B 152 -5.33 -16.20 -19.60
N PHE B 153 -6.12 -17.21 -19.22
CA PHE B 153 -7.45 -17.01 -18.62
C PHE B 153 -7.51 -16.36 -17.22
N LYS B 154 -6.38 -16.40 -16.49
CA LYS B 154 -6.37 -16.06 -15.08
C LYS B 154 -7.03 -14.72 -14.73
N GLN B 155 -6.65 -13.65 -15.43
CA GLN B 155 -7.16 -12.34 -15.07
C GLN B 155 -8.67 -12.31 -15.20
N LEU B 156 -9.18 -12.77 -16.35
CA LEU B 156 -10.62 -12.75 -16.64
C LEU B 156 -11.40 -13.61 -15.64
N ILE B 157 -10.91 -14.82 -15.35
CA ILE B 157 -11.60 -15.70 -14.38
C ILE B 157 -11.65 -15.04 -12.99
N THR B 158 -10.53 -14.44 -12.59
CA THR B 158 -10.44 -13.73 -11.30
C THR B 158 -11.45 -12.61 -11.25
N ASN B 159 -11.45 -11.77 -12.31
CA ASN B 159 -12.39 -10.66 -12.38
C ASN B 159 -13.81 -11.16 -12.21
N ALA B 160 -14.17 -12.17 -13.01
CA ALA B 160 -15.54 -12.70 -13.01
C ALA B 160 -15.93 -13.27 -11.66
N VAL B 161 -15.11 -14.17 -11.13
CA VAL B 161 -15.40 -14.80 -9.83
C VAL B 161 -15.49 -13.76 -8.68
N SER B 162 -14.56 -12.82 -8.60
CA SER B 162 -14.59 -11.87 -7.50
C SER B 162 -15.86 -11.05 -7.55
N ASN B 163 -16.33 -10.77 -8.75
CA ASN B 163 -17.55 -9.99 -8.92
C ASN B 163 -18.79 -10.61 -8.28
N ILE B 164 -18.91 -11.93 -8.34
CA ILE B 164 -20.03 -12.63 -7.71
C ILE B 164 -20.03 -12.41 -6.19
N THR B 165 -18.84 -12.41 -5.58
CA THR B 165 -18.67 -12.08 -4.15
C THR B 165 -18.91 -10.60 -3.88
N ASN B 166 -18.42 -9.75 -4.78
CA ASN B 166 -18.58 -8.30 -4.60
C ASN B 166 -20.03 -7.83 -4.61
N LEU B 167 -20.91 -8.60 -5.26
CA LEU B 167 -22.34 -8.30 -5.21
C LEU B 167 -22.85 -8.43 -3.78
N ILE B 168 -22.38 -9.45 -3.09
CA ILE B 168 -22.86 -9.73 -1.74
C ILE B 168 -22.25 -8.77 -0.72
N ILE B 169 -20.98 -8.45 -0.89
CA ILE B 169 -20.25 -7.67 0.11
C ILE B 169 -20.42 -6.18 -0.08
N PHE B 170 -20.31 -5.72 -1.32
CA PHE B 170 -20.38 -4.29 -1.63
C PHE B 170 -21.67 -3.84 -2.31
N GLY B 171 -22.53 -4.79 -2.69
CA GLY B 171 -23.78 -4.48 -3.39
C GLY B 171 -23.67 -4.27 -4.89
N GLU B 172 -22.45 -4.38 -5.43
CA GLU B 172 -22.22 -4.12 -6.85
C GLU B 172 -21.00 -4.87 -7.41
N ARG B 173 -20.95 -5.00 -8.73
CA ARG B 173 -19.82 -5.62 -9.39
C ARG B 173 -18.89 -4.53 -9.88
N PHE B 174 -17.63 -4.87 -10.12
CA PHE B 174 -16.68 -3.90 -10.66
C PHE B 174 -16.31 -4.26 -12.11
N THR B 175 -16.09 -3.24 -12.93
CA THR B 175 -15.88 -3.47 -14.36
C THR B 175 -14.53 -4.12 -14.59
N TYR B 176 -14.33 -4.79 -15.72
CA TYR B 176 -13.03 -5.43 -15.99
C TYR B 176 -11.94 -4.39 -16.28
N GLU B 177 -12.30 -3.12 -16.20
CA GLU B 177 -11.40 -1.99 -16.45
C GLU B 177 -10.75 -1.48 -15.12
N ASP B 178 -11.41 -1.78 -13.99
CA ASP B 178 -10.96 -1.43 -12.62
C ASP B 178 -9.63 -2.11 -12.22
N THR B 179 -8.54 -1.66 -12.84
CA THR B 179 -7.22 -2.24 -12.63
C THR B 179 -6.75 -2.10 -11.15
N ASP B 180 -7.24 -1.08 -10.45
CA ASP B 180 -6.90 -0.85 -9.05
C ASP B 180 -7.36 -1.98 -8.12
N PHE B 181 -8.64 -2.36 -8.26
CA PHE B 181 -9.20 -3.46 -7.46
C PHE B 181 -8.46 -4.75 -7.77
N GLN B 182 -8.29 -5.03 -9.05
CA GLN B 182 -7.68 -6.26 -9.43
C GLN B 182 -6.19 -6.30 -9.05
N HIS B 183 -5.56 -5.14 -9.00
CA HIS B 183 -4.18 -5.02 -8.44
C HIS B 183 -4.13 -5.38 -6.96
N MET B 184 -5.13 -4.93 -6.20
CA MET B 184 -5.25 -5.33 -4.82
C MET B 184 -5.40 -6.87 -4.68
N ILE B 185 -6.26 -7.46 -5.51
CA ILE B 185 -6.46 -8.93 -5.50
C ILE B 185 -5.17 -9.64 -5.87
N GLU B 186 -4.40 -9.06 -6.78
CA GLU B 186 -3.10 -9.63 -7.17
C GLU B 186 -2.10 -9.69 -5.97
N LEU B 187 -2.04 -8.61 -5.17
CA LEU B 187 -1.18 -8.58 -4.00
C LEU B 187 -1.68 -9.53 -2.92
N PHE B 188 -2.99 -9.57 -2.74
CA PHE B 188 -3.61 -10.45 -1.73
C PHE B 188 -3.35 -11.93 -2.09
N SER B 189 -3.51 -12.24 -3.36
CA SER B 189 -3.27 -13.56 -3.87
C SER B 189 -1.81 -13.96 -3.63
N GLU B 190 -0.87 -13.09 -4.00
CA GLU B 190 0.55 -13.30 -3.68
C GLU B 190 0.76 -13.71 -2.22
N ASN B 191 0.11 -13.02 -1.29
CA ASN B 191 0.25 -13.35 0.12
C ASN B 191 -0.22 -14.78 0.49
N VAL B 192 -1.29 -15.25 -0.15
CA VAL B 192 -1.78 -16.61 0.05
C VAL B 192 -0.76 -17.62 -0.49
N GLU B 193 0.00 -17.23 -1.51
CA GLU B 193 1.13 -18.05 -2.00
C GLU B 193 2.32 -18.02 -1.00
N LEU B 194 2.67 -16.83 -0.52
CA LEU B 194 3.82 -16.65 0.37
C LEU B 194 3.58 -17.29 1.75
N ALA B 195 2.33 -17.40 2.18
CA ALA B 195 2.05 -18.00 3.48
C ALA B 195 2.56 -19.46 3.59
N ALA B 196 2.87 -20.11 2.47
CA ALA B 196 3.41 -21.47 2.47
C ALA B 196 4.94 -21.52 2.26
N SER B 197 5.58 -20.36 2.18
CA SER B 197 7.04 -20.27 1.98
C SER B 197 7.83 -20.82 3.15
N ALA B 198 9.06 -21.21 2.86
CA ALA B 198 10.01 -21.58 3.87
C ALA B 198 10.19 -20.41 4.81
N SER B 199 10.39 -19.22 4.23
CA SER B 199 10.61 -17.98 5.01
C SER B 199 9.50 -17.75 6.02
N VAL B 200 8.26 -18.07 5.67
CA VAL B 200 7.14 -17.75 6.56
C VAL B 200 7.01 -18.76 7.71
N PHE B 201 7.17 -20.06 7.43
CA PHE B 201 7.29 -21.05 8.52
C PHE B 201 8.41 -20.63 9.47
N LEU B 202 9.57 -20.30 8.90
CA LEU B 202 10.71 -19.82 9.66
C LEU B 202 10.39 -18.56 10.47
N TYR B 203 9.68 -17.60 9.88
CA TYR B 203 9.25 -16.41 10.62
C TYR B 203 8.35 -16.82 11.78
N ASN B 204 7.44 -17.74 11.54
CA ASN B 204 6.51 -18.17 12.58
C ASN B 204 7.26 -18.83 13.73
N ALA B 205 8.29 -19.59 13.39
CA ALA B 205 9.14 -20.24 14.39
C ALA B 205 10.00 -19.21 15.15
N PHE B 206 10.52 -18.21 14.43
CA PHE B 206 11.50 -17.25 14.96
C PHE B 206 11.18 -15.80 14.52
N PRO B 207 10.16 -15.17 15.16
CA PRO B 207 9.61 -13.86 14.76
C PRO B 207 10.63 -12.73 14.66
N TRP B 208 11.72 -12.87 15.38
CA TRP B 208 12.71 -11.82 15.43
C TRP B 208 13.66 -11.84 14.23
N ILE B 209 13.52 -12.82 13.34
CA ILE B 209 14.21 -12.75 12.05
C ILE B 209 13.64 -11.63 11.20
N GLY B 210 12.52 -11.07 11.63
CA GLY B 210 11.95 -9.87 11.00
C GLY B 210 12.92 -8.69 10.81
N ILE B 211 13.93 -8.57 11.68
CA ILE B 211 15.03 -7.59 11.47
C ILE B 211 15.59 -7.70 10.06
N LEU B 212 15.74 -8.94 9.60
CA LEU B 212 16.47 -9.25 8.40
C LEU B 212 15.62 -8.96 7.18
N PRO B 213 16.18 -8.17 6.23
CA PRO B 213 15.48 -7.89 4.98
C PRO B 213 15.47 -9.07 3.98
N PHE B 214 16.13 -10.19 4.33
CA PHE B 214 16.09 -11.39 3.49
C PHE B 214 14.82 -12.16 3.81
N GLY B 215 14.27 -12.83 2.80
CA GLY B 215 13.12 -13.71 3.02
C GLY B 215 11.76 -13.07 2.76
N LYS B 216 10.85 -13.89 2.25
CA LYS B 216 9.60 -13.44 1.66
C LYS B 216 8.57 -12.87 2.64
N HIS B 217 8.78 -13.03 3.93
CA HIS B 217 7.88 -12.42 4.91
C HIS B 217 7.82 -10.89 4.78
N GLN B 218 8.89 -10.27 4.30
CA GLN B 218 8.93 -8.81 4.16
C GLN B 218 7.92 -8.34 3.09
N GLN B 219 7.95 -8.99 1.93
CA GLN B 219 7.01 -8.69 0.85
C GLN B 219 5.59 -8.91 1.32
N LEU B 220 5.38 -9.99 2.08
CA LEU B 220 4.07 -10.33 2.62
C LEU B 220 3.49 -9.22 3.51
N PHE B 221 4.32 -8.58 4.34
CA PHE B 221 3.83 -7.51 5.23
C PHE B 221 3.58 -6.23 4.46
N ARG B 222 4.50 -5.88 3.56
CA ARG B 222 4.27 -4.75 2.68
C ARG B 222 2.93 -4.88 1.93
N ASN B 223 2.74 -6.02 1.26
CA ASN B 223 1.47 -6.35 0.60
C ASN B 223 0.28 -6.21 1.55
N ALA B 224 0.38 -6.81 2.74
CA ALA B 224 -0.72 -6.72 3.71
C ALA B 224 -1.09 -5.26 4.06
N ALA B 225 -0.10 -4.40 4.26
CA ALA B 225 -0.38 -3.00 4.57
C ALA B 225 -1.15 -2.37 3.41
N VAL B 226 -0.64 -2.58 2.19
CA VAL B 226 -1.29 -2.02 0.98
C VAL B 226 -2.76 -2.48 0.94
N VAL B 227 -2.97 -3.79 1.04
CA VAL B 227 -4.30 -4.39 0.99
C VAL B 227 -5.21 -3.88 2.10
N TYR B 228 -4.67 -3.62 3.29
CA TYR B 228 -5.48 -3.09 4.40
C TYR B 228 -6.01 -1.70 4.06
N ASP B 229 -5.11 -0.85 3.54
CA ASP B 229 -5.47 0.52 3.17
C ASP B 229 -6.60 0.50 2.16
N PHE B 230 -6.36 -0.24 1.07
CA PHE B 230 -7.35 -0.37 0.01
C PHE B 230 -8.73 -0.87 0.49
N LEU B 231 -8.77 -1.93 1.28
CA LEU B 231 -10.04 -2.45 1.76
C LEU B 231 -10.80 -1.42 2.59
N SER B 232 -10.14 -0.74 3.52
CA SER B 232 -10.88 0.21 4.38
C SER B 232 -11.46 1.41 3.58
N ARG B 233 -10.82 1.80 2.48
CA ARG B 233 -11.42 2.81 1.58
C ARG B 233 -12.66 2.27 0.87
N LEU B 234 -12.62 1.00 0.45
CA LEU B 234 -13.76 0.40 -0.21
C LEU B 234 -14.92 0.36 0.74
N ILE B 235 -14.65 -0.08 1.96
CA ILE B 235 -15.68 -0.20 3.00
C ILE B 235 -16.30 1.18 3.38
N GLU B 236 -15.49 2.24 3.36
CA GLU B 236 -15.99 3.61 3.56
C GLU B 236 -16.93 4.05 2.42
N LYS B 237 -16.47 3.88 1.17
CA LYS B 237 -17.30 4.21 0.00
C LYS B 237 -18.58 3.40 -0.05
N ALA B 238 -18.48 2.12 0.26
CA ALA B 238 -19.63 1.22 0.21
C ALA B 238 -20.63 1.46 1.35
N SER B 239 -20.36 2.44 2.22
CA SER B 239 -21.33 2.78 3.28
C SER B 239 -21.73 4.28 3.30
N VAL B 240 -21.42 5.01 2.23
CA VAL B 240 -21.85 6.41 2.11
C VAL B 240 -23.38 6.47 2.13
N ASN B 241 -24.01 5.67 1.26
CA ASN B 241 -25.49 5.68 1.13
C ASN B 241 -26.15 4.58 1.97
N ARG B 242 -25.64 4.40 3.18
CA ARG B 242 -26.19 3.40 4.08
C ARG B 242 -27.48 3.92 4.70
N LYS B 243 -28.52 3.08 4.71
CA LYS B 243 -29.74 3.39 5.45
C LYS B 243 -29.86 2.44 6.64
N PRO B 244 -29.50 2.93 7.86
CA PRO B 244 -29.34 2.02 9.02
C PRO B 244 -30.54 1.14 9.30
N GLN B 245 -30.26 -0.12 9.61
CA GLN B 245 -31.26 -1.19 9.83
C GLN B 245 -32.00 -1.66 8.56
N LEU B 246 -31.73 -1.02 7.42
CA LEU B 246 -32.19 -1.51 6.10
C LEU B 246 -30.94 -1.80 5.22
N PRO B 247 -30.27 -2.93 5.48
CA PRO B 247 -28.98 -3.18 4.87
C PRO B 247 -29.08 -3.63 3.41
N GLN B 248 -28.12 -3.19 2.60
CA GLN B 248 -28.05 -3.52 1.16
C GLN B 248 -27.02 -4.63 0.84
N HIS B 249 -26.09 -4.85 1.75
CA HIS B 249 -24.97 -5.76 1.52
C HIS B 249 -24.21 -6.03 2.82
N PHE B 250 -23.19 -6.88 2.75
CA PHE B 250 -22.46 -7.30 3.96
C PHE B 250 -21.93 -6.11 4.77
N VAL B 251 -21.34 -5.11 4.13
CA VAL B 251 -20.79 -3.98 4.88
C VAL B 251 -21.89 -3.30 5.72
N ASP B 252 -23.06 -3.06 5.10
CA ASP B 252 -24.20 -2.52 5.83
C ASP B 252 -24.60 -3.45 6.97
N ALA B 253 -24.79 -4.74 6.70
CA ALA B 253 -25.16 -5.69 7.75
C ALA B 253 -24.23 -5.59 8.94
N TYR B 254 -22.94 -5.38 8.67
CA TYR B 254 -21.94 -5.32 9.75
C TYR B 254 -22.16 -4.06 10.60
N LEU B 255 -22.11 -2.90 9.96
CA LEU B 255 -22.30 -1.60 10.64
C LEU B 255 -23.60 -1.58 11.49
N ASP B 256 -24.65 -2.28 11.02
CA ASP B 256 -25.86 -2.49 11.83
C ASP B 256 -25.54 -3.18 13.15
N GLU B 257 -24.79 -4.29 13.06
CA GLU B 257 -24.46 -5.09 14.23
C GLU B 257 -23.63 -4.28 15.22
N MET B 258 -22.75 -3.43 14.70
CA MET B 258 -21.98 -2.53 15.55
C MET B 258 -22.88 -1.59 16.31
N ASP B 259 -23.93 -1.08 15.64
CA ASP B 259 -24.93 -0.22 16.30
C ASP B 259 -25.79 -1.01 17.32
N GLN B 260 -26.18 -2.24 17.00
CA GLN B 260 -26.87 -3.11 17.97
C GLN B 260 -25.97 -3.50 19.16
N GLY B 261 -24.69 -3.09 19.14
CA GLY B 261 -23.75 -3.35 20.25
C GLY B 261 -22.88 -2.16 20.63
N LYS B 262 -23.40 -0.94 20.45
CA LYS B 262 -22.77 0.28 21.00
C LYS B 262 -22.69 0.21 22.52
N ASN B 263 -23.75 -0.33 23.13
CA ASN B 263 -23.84 -0.50 24.57
C ASN B 263 -22.82 -1.51 25.05
N ASP B 264 -22.86 -2.71 24.46
CA ASP B 264 -21.98 -3.80 24.86
C ASP B 264 -20.49 -3.45 24.60
N PRO B 265 -19.68 -3.28 25.67
CA PRO B 265 -18.25 -3.05 25.44
C PRO B 265 -17.45 -4.36 25.22
N SER B 266 -18.13 -5.52 25.25
CA SER B 266 -17.55 -6.81 24.81
C SER B 266 -18.11 -7.29 23.43
N SER B 267 -18.61 -6.35 22.62
CA SER B 267 -19.07 -6.64 21.26
C SER B 267 -17.86 -6.90 20.36
N THR B 268 -17.82 -8.08 19.76
CA THR B 268 -16.69 -8.50 18.94
C THR B 268 -16.65 -7.78 17.59
N PHE B 269 -17.81 -7.31 17.12
CA PHE B 269 -17.88 -6.52 15.87
C PHE B 269 -17.11 -5.22 16.02
N SER B 270 -16.27 -4.90 15.04
CA SER B 270 -15.51 -3.66 15.08
C SER B 270 -15.07 -3.22 13.69
N LYS B 271 -14.57 -2.00 13.63
CA LYS B 271 -14.04 -1.42 12.39
C LYS B 271 -12.94 -2.30 11.78
N GLU B 272 -12.02 -2.77 12.61
CA GLU B 272 -10.86 -3.54 12.16
C GLU B 272 -11.29 -4.95 11.74
N ASN B 273 -12.14 -5.56 12.55
CA ASN B 273 -12.69 -6.88 12.23
C ASN B 273 -13.55 -6.90 10.97
N LEU B 274 -14.17 -5.77 10.64
CA LEU B 274 -14.91 -5.62 9.39
C LEU B 274 -13.97 -5.65 8.19
N ILE B 275 -12.85 -4.93 8.29
CA ILE B 275 -11.80 -5.01 7.27
C ILE B 275 -11.29 -6.44 7.14
N PHE B 276 -11.02 -7.08 8.28
CA PHE B 276 -10.41 -8.41 8.25
C PHE B 276 -11.35 -9.44 7.68
N SER B 277 -12.63 -9.35 8.03
CA SER B 277 -13.59 -10.37 7.58
C SER B 277 -13.88 -10.18 6.11
N VAL B 278 -13.97 -8.93 5.67
CA VAL B 278 -14.19 -8.63 4.26
C VAL B 278 -13.00 -9.09 3.42
N GLY B 279 -11.81 -8.73 3.87
CA GLY B 279 -10.57 -9.18 3.19
C GLY B 279 -10.55 -10.70 3.09
N GLU B 280 -10.88 -11.34 4.20
CA GLU B 280 -10.91 -12.77 4.24
C GLU B 280 -11.94 -13.37 3.29
N LEU B 281 -13.14 -12.80 3.23
CA LEU B 281 -14.20 -13.34 2.33
C LEU B 281 -13.86 -13.14 0.86
N ILE B 282 -13.26 -12.00 0.54
CA ILE B 282 -12.83 -11.71 -0.82
C ILE B 282 -11.76 -12.69 -1.30
N ILE B 283 -10.68 -12.86 -0.54
CA ILE B 283 -9.61 -13.73 -1.04
C ILE B 283 -10.02 -15.21 -0.95
N ALA B 284 -10.92 -15.55 -0.04
CA ALA B 284 -11.35 -16.94 0.18
C ALA B 284 -12.14 -17.43 -1.00
N GLY B 285 -12.99 -16.56 -1.53
CA GLY B 285 -13.78 -16.89 -2.70
C GLY B 285 -12.99 -16.85 -3.99
N THR B 286 -12.22 -15.78 -4.17
CA THR B 286 -11.57 -15.52 -5.44
C THR B 286 -10.49 -16.54 -5.70
N GLU B 287 -9.59 -16.72 -4.74
CA GLU B 287 -8.43 -17.60 -4.96
C GLU B 287 -8.80 -19.04 -5.20
N THR B 288 -9.76 -19.56 -4.45
CA THR B 288 -10.11 -20.98 -4.53
C THR B 288 -10.93 -21.28 -5.81
N THR B 289 -12.02 -20.53 -6.01
CA THR B 289 -12.94 -20.80 -7.11
C THR B 289 -12.26 -20.58 -8.45
N THR B 290 -11.52 -19.48 -8.58
CA THR B 290 -10.69 -19.20 -9.75
C THR B 290 -9.80 -20.37 -10.06
N ASN B 291 -9.18 -20.93 -9.04
CA ASN B 291 -8.24 -22.02 -9.25
C ASN B 291 -8.92 -23.32 -9.64
N VAL B 292 -10.10 -23.61 -9.08
CA VAL B 292 -10.92 -24.73 -9.54
C VAL B 292 -11.20 -24.61 -11.04
N LEU B 293 -11.57 -23.42 -11.48
CA LEU B 293 -11.88 -23.20 -12.89
C LEU B 293 -10.64 -23.30 -13.76
N ARG B 294 -9.51 -22.80 -13.30
CA ARG B 294 -8.30 -22.83 -14.10
C ARG B 294 -7.85 -24.26 -14.29
N TRP B 295 -8.01 -25.08 -13.26
CA TRP B 295 -7.70 -26.50 -13.37
C TRP B 295 -8.70 -27.17 -14.33
N ALA B 296 -10.00 -26.89 -14.10
CA ALA B 296 -11.07 -27.42 -14.95
C ALA B 296 -10.76 -27.18 -16.43
N ILE B 297 -10.47 -25.93 -16.79
CA ILE B 297 -10.17 -25.55 -18.19
C ILE B 297 -8.93 -26.29 -18.70
N LEU B 298 -7.91 -26.41 -17.87
CA LEU B 298 -6.67 -27.10 -18.24
C LEU B 298 -6.98 -28.56 -18.57
N PHE B 299 -7.77 -29.21 -17.74
CA PHE B 299 -8.10 -30.62 -17.97
C PHE B 299 -9.08 -30.84 -19.15
N MET B 300 -9.85 -29.82 -19.53
CA MET B 300 -10.71 -29.93 -20.72
C MET B 300 -9.88 -29.78 -22.00
N ALA B 301 -8.91 -28.88 -21.96
CA ALA B 301 -7.95 -28.71 -23.06
C ALA B 301 -7.09 -29.94 -23.23
N LEU B 302 -6.83 -30.63 -22.13
CA LEU B 302 -5.95 -31.79 -22.13
C LEU B 302 -6.68 -33.02 -22.62
N TYR B 303 -7.94 -33.20 -22.20
CA TYR B 303 -8.76 -34.35 -22.65
C TYR B 303 -9.99 -33.91 -23.43
N PRO B 304 -9.82 -33.58 -24.73
CA PRO B 304 -10.97 -33.09 -25.49
C PRO B 304 -12.16 -34.09 -25.55
N ASN B 305 -11.93 -35.38 -25.36
CA ASN B 305 -13.03 -36.36 -25.31
C ASN B 305 -13.95 -36.14 -24.10
N ILE B 306 -13.35 -35.88 -22.94
CA ILE B 306 -14.10 -35.54 -21.74
C ILE B 306 -14.85 -34.21 -21.93
N GLN B 307 -14.23 -33.28 -22.66
CA GLN B 307 -14.84 -31.98 -22.95
C GLN B 307 -16.07 -32.13 -23.82
N GLY B 308 -15.92 -32.89 -24.93
CA GLY B 308 -17.01 -33.20 -25.86
C GLY B 308 -18.23 -33.81 -25.19
N GLN B 309 -18.00 -34.74 -24.26
CA GLN B 309 -19.09 -35.33 -23.50
C GLN B 309 -19.85 -34.31 -22.68
N VAL B 310 -19.13 -33.44 -21.96
CA VAL B 310 -19.75 -32.32 -21.26
C VAL B 310 -20.57 -31.42 -22.25
N GLN B 311 -19.94 -31.03 -23.36
CA GLN B 311 -20.62 -30.22 -24.39
C GLN B 311 -21.87 -30.87 -24.98
N LYS B 312 -21.83 -32.20 -25.11
CA LYS B 312 -23.01 -32.96 -25.53
C LYS B 312 -24.12 -32.91 -24.47
N GLU B 313 -23.73 -32.98 -23.22
CA GLU B 313 -24.69 -32.87 -22.17
C GLU B 313 -25.26 -31.44 -22.14
N ILE B 314 -24.39 -30.42 -22.25
CA ILE B 314 -24.88 -29.02 -22.30
C ILE B 314 -25.84 -28.84 -23.48
N ASP B 315 -25.47 -29.39 -24.64
CA ASP B 315 -26.27 -29.22 -25.86
C ASP B 315 -27.68 -29.81 -25.72
N LEU B 316 -27.78 -31.01 -25.12
CA LEU B 316 -29.04 -31.74 -25.02
C LEU B 316 -29.91 -31.38 -23.80
N ILE B 317 -29.32 -30.79 -22.75
CA ILE B 317 -30.09 -30.46 -21.51
C ILE B 317 -30.37 -28.99 -21.38
N MET B 318 -29.37 -28.18 -21.69
CA MET B 318 -29.52 -26.74 -21.70
C MET B 318 -29.93 -26.24 -23.07
N GLY B 319 -29.57 -26.97 -24.11
CA GLY B 319 -29.81 -26.50 -25.47
C GLY B 319 -28.59 -25.72 -25.88
N PRO B 320 -28.27 -25.71 -27.18
CA PRO B 320 -27.07 -25.01 -27.66
C PRO B 320 -26.94 -23.55 -27.25
N ASN B 321 -28.06 -22.84 -27.12
CA ASN B 321 -28.04 -21.43 -26.72
C ASN B 321 -28.85 -21.15 -25.47
N GLY B 322 -29.24 -22.17 -24.73
CA GLY B 322 -30.07 -21.96 -23.54
C GLY B 322 -29.27 -21.45 -22.36
N LYS B 323 -29.91 -20.59 -21.57
CA LYS B 323 -29.27 -20.04 -20.36
C LYS B 323 -29.05 -21.15 -19.34
N PRO B 324 -27.78 -21.44 -19.03
CA PRO B 324 -27.46 -22.37 -17.98
C PRO B 324 -28.23 -22.09 -16.69
N SER B 325 -28.58 -23.13 -15.98
CA SER B 325 -29.35 -22.97 -14.79
C SER B 325 -28.86 -23.91 -13.68
N TRP B 326 -28.94 -23.44 -12.44
CA TRP B 326 -28.58 -24.24 -11.29
C TRP B 326 -29.47 -25.49 -11.24
N ASP B 327 -30.75 -25.31 -11.55
CA ASP B 327 -31.70 -26.41 -11.79
C ASP B 327 -31.15 -27.57 -12.60
N ASP B 328 -30.58 -27.26 -13.76
CA ASP B 328 -30.07 -28.29 -14.71
C ASP B 328 -29.01 -29.22 -14.14
N LYS B 329 -28.56 -28.98 -12.92
CA LYS B 329 -27.49 -29.76 -12.31
C LYS B 329 -27.77 -31.29 -12.30
N CYS B 330 -28.89 -31.68 -11.73
CA CYS B 330 -29.16 -33.13 -11.54
C CYS B 330 -29.58 -33.86 -12.82
N LYS B 331 -29.82 -33.10 -13.89
CA LYS B 331 -30.08 -33.69 -15.20
C LYS B 331 -28.80 -33.80 -16.03
N MET B 332 -27.68 -33.36 -15.46
CA MET B 332 -26.37 -33.36 -16.14
C MET B 332 -25.32 -34.02 -15.25
N PRO B 333 -25.42 -35.36 -15.06
CA PRO B 333 -24.56 -36.04 -14.09
C PRO B 333 -23.10 -36.09 -14.51
N TYR B 334 -22.81 -36.25 -15.81
CA TYR B 334 -21.43 -36.29 -16.29
C TYR B 334 -20.67 -34.99 -16.03
N THR B 335 -21.40 -33.89 -16.03
CA THR B 335 -20.83 -32.58 -15.78
C THR B 335 -20.59 -32.38 -14.29
N GLU B 336 -21.47 -32.89 -13.43
CA GLU B 336 -21.18 -32.92 -12.01
C GLU B 336 -19.97 -33.79 -11.79
N ALA B 337 -19.92 -34.93 -12.47
CA ALA B 337 -18.84 -35.88 -12.29
C ALA B 337 -17.50 -35.22 -12.54
N VAL B 338 -17.36 -34.59 -13.70
CA VAL B 338 -16.12 -33.90 -14.06
C VAL B 338 -15.73 -32.81 -13.03
N LEU B 339 -16.70 -32.00 -12.64
CA LEU B 339 -16.44 -30.96 -11.66
C LEU B 339 -16.04 -31.52 -10.29
N HIS B 340 -16.59 -32.67 -9.90
CA HIS B 340 -16.20 -33.31 -8.63
C HIS B 340 -14.83 -33.93 -8.73
N GLU B 341 -14.46 -34.37 -9.92
CA GLU B 341 -13.16 -34.96 -10.15
C GLU B 341 -12.08 -33.90 -10.15
N VAL B 342 -12.36 -32.71 -10.66
CA VAL B 342 -11.39 -31.62 -10.57
C VAL B 342 -11.14 -31.33 -9.08
N LEU B 343 -12.19 -31.22 -8.29
CA LEU B 343 -12.05 -31.00 -6.86
C LEU B 343 -11.24 -32.09 -6.14
N ARG B 344 -11.46 -33.36 -6.50
CA ARG B 344 -10.78 -34.47 -5.80
C ARG B 344 -9.29 -34.60 -6.17
N PHE B 345 -9.02 -34.49 -7.47
CA PHE B 345 -7.69 -34.68 -8.02
C PHE B 345 -6.81 -33.44 -7.80
N CYS B 346 -7.32 -32.27 -8.15
CA CYS B 346 -6.49 -31.05 -8.15
C CYS B 346 -6.30 -30.42 -6.77
N ASN B 347 -7.16 -30.73 -5.83
CA ASN B 347 -6.96 -30.32 -4.43
C ASN B 347 -6.57 -28.86 -4.30
N ILE B 348 -7.51 -27.98 -4.60
CA ILE B 348 -7.23 -26.55 -4.66
C ILE B 348 -6.78 -26.06 -3.29
N VAL B 349 -7.35 -26.61 -2.21
CA VAL B 349 -6.86 -26.32 -0.83
C VAL B 349 -6.32 -27.63 -0.23
N PRO B 350 -5.03 -27.96 -0.53
CA PRO B 350 -4.51 -29.30 -0.26
C PRO B 350 -4.39 -29.65 1.22
N LEU B 351 -4.00 -28.68 2.04
CA LEU B 351 -3.84 -28.89 3.48
C LEU B 351 -4.87 -28.13 4.28
N GLY B 352 -5.94 -27.73 3.61
CA GLY B 352 -6.99 -26.95 4.24
C GLY B 352 -6.38 -25.72 4.85
N ILE B 353 -7.08 -25.19 5.85
CA ILE B 353 -6.60 -24.11 6.67
C ILE B 353 -6.21 -24.72 8.00
N PHE B 354 -5.05 -24.32 8.51
CA PHE B 354 -4.52 -24.92 9.72
C PHE B 354 -5.47 -24.77 10.90
N HIS B 355 -5.60 -25.86 11.65
CA HIS B 355 -6.38 -25.87 12.87
C HIS B 355 -5.45 -25.86 14.08
N ALA B 356 -6.02 -25.63 15.25
CA ALA B 356 -5.32 -25.80 16.54
C ALA B 356 -6.27 -26.51 17.50
N THR B 357 -5.71 -27.18 18.50
CA THR B 357 -6.51 -27.75 19.60
C THR B 357 -6.87 -26.61 20.57
N SER B 358 -8.14 -26.52 20.93
CA SER B 358 -8.63 -25.49 21.85
C SER B 358 -8.49 -25.93 23.30
N GLU B 359 -8.16 -27.21 23.50
CA GLU B 359 -7.76 -27.73 24.82
C GLU B 359 -7.04 -29.09 24.64
N ASP B 360 -6.52 -29.67 25.71
CA ASP B 360 -5.84 -30.98 25.64
C ASP B 360 -6.77 -32.00 24.99
N ALA B 361 -6.21 -32.94 24.26
CA ALA B 361 -7.01 -33.91 23.53
C ALA B 361 -6.26 -35.23 23.34
N VAL B 362 -7.02 -36.31 23.21
CA VAL B 362 -6.45 -37.61 22.92
C VAL B 362 -7.01 -38.07 21.58
N VAL B 363 -6.11 -38.52 20.71
CA VAL B 363 -6.46 -38.99 19.38
C VAL B 363 -5.63 -40.22 19.05
N ARG B 364 -6.32 -41.36 18.88
CA ARG B 364 -5.70 -42.67 18.52
C ARG B 364 -4.50 -43.08 19.38
N GLY B 365 -4.69 -43.04 20.70
CA GLY B 365 -3.64 -43.41 21.62
C GLY B 365 -2.75 -42.26 22.03
N TYR B 366 -2.58 -41.28 21.14
CA TYR B 366 -1.64 -40.18 21.39
C TYR B 366 -2.28 -38.99 22.08
N SER B 367 -1.43 -38.14 22.66
CA SER B 367 -1.88 -36.97 23.40
C SER B 367 -1.50 -35.66 22.70
N ILE B 368 -2.44 -34.73 22.64
CA ILE B 368 -2.29 -33.51 21.85
C ILE B 368 -2.59 -32.29 22.69
N PRO B 369 -1.55 -31.67 23.24
CA PRO B 369 -1.70 -30.53 24.13
C PRO B 369 -2.48 -29.36 23.54
N LYS B 370 -3.16 -28.62 24.41
CA LYS B 370 -3.84 -27.39 24.03
C LYS B 370 -2.89 -26.52 23.21
N GLY B 371 -3.37 -26.01 22.09
CA GLY B 371 -2.61 -25.05 21.27
C GLY B 371 -1.79 -25.67 20.17
N THR B 372 -1.69 -27.00 20.13
CA THR B 372 -0.91 -27.69 19.09
C THR B 372 -1.49 -27.39 17.71
N THR B 373 -0.64 -27.02 16.75
CA THR B 373 -1.10 -26.85 15.37
C THR B 373 -1.53 -28.21 14.80
N VAL B 374 -2.72 -28.25 14.20
CA VAL B 374 -3.23 -29.45 13.54
C VAL B 374 -3.46 -29.16 12.03
N ILE B 375 -2.81 -29.96 11.19
CA ILE B 375 -2.83 -29.80 9.75
C ILE B 375 -3.66 -30.91 9.12
N THR B 376 -4.85 -30.57 8.64
CA THR B 376 -5.70 -31.56 7.99
C THR B 376 -5.21 -31.75 6.55
N ASN B 377 -4.62 -32.91 6.27
CA ASN B 377 -4.13 -33.20 4.91
C ASN B 377 -5.29 -33.67 4.01
N LEU B 378 -6.03 -32.71 3.45
CA LEU B 378 -7.16 -33.02 2.58
C LEU B 378 -6.74 -33.78 1.33
N TYR B 379 -5.55 -33.49 0.82
CA TYR B 379 -4.98 -34.24 -0.31
C TYR B 379 -4.98 -35.75 -0.01
N SER B 380 -4.57 -36.10 1.21
CA SER B 380 -4.45 -37.49 1.60
C SER B 380 -5.81 -38.16 1.72
N VAL B 381 -6.86 -37.39 2.01
CA VAL B 381 -8.19 -37.94 2.14
C VAL B 381 -8.70 -38.30 0.75
N HIS B 382 -8.37 -37.45 -0.21
CA HIS B 382 -8.80 -37.66 -1.59
C HIS B 382 -7.97 -38.69 -2.32
N PHE B 383 -6.81 -39.02 -1.79
CA PHE B 383 -6.00 -40.06 -2.39
C PHE B 383 -5.95 -41.31 -1.48
N ASP B 384 -6.85 -41.36 -0.49
CA ASP B 384 -6.93 -42.46 0.49
C ASP B 384 -7.43 -43.76 -0.16
N GLU B 385 -6.53 -44.73 -0.32
CA GLU B 385 -6.84 -45.94 -1.12
C GLU B 385 -7.84 -46.88 -0.44
N LYS B 386 -8.15 -46.61 0.82
CA LYS B 386 -9.24 -47.30 1.50
C LYS B 386 -10.60 -46.94 0.89
N TYR B 387 -10.76 -45.69 0.38
CA TYR B 387 -12.05 -45.18 -0.14
C TYR B 387 -12.06 -44.81 -1.63
N TRP B 388 -10.96 -44.99 -2.34
CA TRP B 388 -10.84 -44.54 -3.71
C TRP B 388 -10.01 -45.52 -4.48
N ARG B 389 -10.46 -45.84 -5.68
CA ARG B 389 -9.84 -46.85 -6.48
C ARG B 389 -9.04 -46.14 -7.59
N ASP B 390 -7.72 -46.28 -7.52
CA ASP B 390 -6.81 -45.58 -8.46
C ASP B 390 -6.91 -44.07 -8.39
N PRO B 391 -6.75 -43.50 -7.18
CA PRO B 391 -6.86 -42.04 -6.97
C PRO B 391 -5.90 -41.23 -7.83
N GLU B 392 -4.73 -41.79 -8.11
CA GLU B 392 -3.70 -41.11 -8.94
C GLU B 392 -4.10 -40.87 -10.39
N VAL B 393 -5.28 -41.35 -10.81
CA VAL B 393 -5.79 -41.14 -12.18
C VAL B 393 -7.06 -40.29 -12.20
N PHE B 394 -7.07 -39.27 -13.06
CA PHE B 394 -8.23 -38.39 -13.26
C PHE B 394 -9.30 -39.16 -14.04
N HIS B 395 -10.37 -39.53 -13.35
CA HIS B 395 -11.37 -40.43 -13.92
C HIS B 395 -12.77 -39.96 -13.51
N PRO B 396 -13.39 -39.06 -14.30
CA PRO B 396 -14.71 -38.52 -13.94
C PRO B 396 -15.80 -39.60 -13.79
N GLU B 397 -15.68 -40.66 -14.59
CA GLU B 397 -16.63 -41.79 -14.54
C GLU B 397 -16.71 -42.44 -13.15
N ARG B 398 -15.65 -42.28 -12.37
CA ARG B 398 -15.60 -42.74 -10.96
C ARG B 398 -16.79 -42.28 -10.12
N PHE B 399 -17.42 -41.17 -10.52
CA PHE B 399 -18.53 -40.55 -9.79
C PHE B 399 -19.93 -40.92 -10.32
N LEU B 400 -19.97 -41.76 -11.34
CA LEU B 400 -21.22 -42.22 -11.91
C LEU B 400 -21.47 -43.64 -11.45
N ASP B 401 -22.71 -43.95 -11.09
CA ASP B 401 -23.08 -45.34 -10.75
C ASP B 401 -23.27 -46.20 -12.02
N SER B 402 -23.81 -47.41 -11.84
CA SER B 402 -23.97 -48.40 -12.95
C SER B 402 -25.00 -47.96 -14.01
N SER B 403 -26.04 -47.24 -13.57
CA SER B 403 -27.08 -46.73 -14.49
C SER B 403 -26.89 -45.21 -14.85
N GLY B 404 -25.64 -44.75 -14.89
CA GLY B 404 -25.32 -43.41 -15.41
C GLY B 404 -25.52 -42.19 -14.51
N TYR B 405 -26.07 -42.39 -13.31
CA TYR B 405 -26.37 -41.28 -12.37
C TYR B 405 -25.18 -40.84 -11.49
N PHE B 406 -25.29 -39.66 -10.90
CA PHE B 406 -24.24 -39.13 -10.02
C PHE B 406 -24.26 -39.76 -8.61
N ALA B 407 -23.31 -40.67 -8.35
CA ALA B 407 -23.17 -41.32 -7.04
C ALA B 407 -22.28 -40.49 -6.11
N LYS B 408 -22.81 -40.13 -4.93
CA LYS B 408 -22.06 -39.34 -3.94
C LYS B 408 -21.10 -40.22 -3.14
N LYS B 409 -19.83 -39.81 -3.06
CA LYS B 409 -18.82 -40.50 -2.29
C LYS B 409 -18.68 -39.81 -0.93
N GLU B 410 -18.35 -40.57 0.11
CA GLU B 410 -18.24 -39.99 1.46
C GLU B 410 -16.83 -39.44 1.75
N ALA B 411 -15.82 -40.00 1.07
CA ALA B 411 -14.43 -39.61 1.26
C ALA B 411 -14.00 -38.41 0.38
N LEU B 412 -14.93 -37.49 0.13
CA LEU B 412 -14.67 -36.27 -0.65
C LEU B 412 -14.93 -35.07 0.23
N VAL B 413 -13.88 -34.32 0.58
CA VAL B 413 -14.00 -33.24 1.56
C VAL B 413 -13.15 -31.99 1.21
N PRO B 414 -13.33 -31.43 0.00
CA PRO B 414 -12.49 -30.32 -0.43
C PRO B 414 -12.97 -28.99 0.13
N PHE B 415 -14.13 -29.00 0.78
CA PHE B 415 -14.61 -27.86 1.58
C PHE B 415 -14.46 -28.16 3.07
N SER B 416 -13.72 -29.24 3.37
CA SER B 416 -13.43 -29.69 4.72
C SER B 416 -14.69 -30.20 5.44
N LEU B 417 -14.56 -30.41 6.76
CA LEU B 417 -15.65 -30.86 7.63
C LEU B 417 -15.57 -30.07 8.93
N GLY B 418 -16.60 -30.19 9.75
CA GLY B 418 -16.57 -29.68 11.13
C GLY B 418 -17.12 -28.28 11.28
N ARG B 419 -16.93 -27.71 12.46
CA ARG B 419 -17.38 -26.35 12.74
C ARG B 419 -16.82 -25.34 11.74
N ARG B 420 -15.63 -25.60 11.22
CA ARG B 420 -14.96 -24.63 10.35
C ARG B 420 -15.11 -24.90 8.85
N HIS B 421 -15.95 -25.88 8.48
CA HIS B 421 -16.16 -26.24 7.07
C HIS B 421 -16.41 -24.99 6.22
N CYS B 422 -15.98 -25.02 4.96
CA CYS B 422 -16.12 -23.85 4.08
C CYS B 422 -17.49 -23.17 4.20
N LEU B 423 -17.45 -21.87 4.39
CA LEU B 423 -18.62 -21.02 4.48
C LEU B 423 -19.27 -20.75 3.10
N GLY B 424 -18.50 -20.85 2.04
CA GLY B 424 -18.97 -20.46 0.74
C GLY B 424 -19.21 -21.64 -0.15
N GLU B 425 -19.48 -22.80 0.43
CA GLU B 425 -19.54 -24.02 -0.37
C GLU B 425 -20.65 -23.94 -1.43
N HIS B 426 -21.84 -23.55 -1.01
CA HIS B 426 -22.98 -23.52 -1.94
C HIS B 426 -22.72 -22.54 -3.08
N LEU B 427 -22.25 -21.34 -2.73
CA LEU B 427 -21.98 -20.32 -3.72
C LEU B 427 -20.89 -20.74 -4.68
N ALA B 428 -19.84 -21.35 -4.14
CA ALA B 428 -18.74 -21.87 -4.92
C ALA B 428 -19.23 -22.88 -5.95
N ARG B 429 -20.13 -23.76 -5.53
CA ARG B 429 -20.65 -24.82 -6.41
C ARG B 429 -21.51 -24.24 -7.54
N MET B 430 -22.33 -23.24 -7.20
CA MET B 430 -23.10 -22.52 -8.21
C MET B 430 -22.20 -21.81 -9.22
N GLU B 431 -21.20 -21.07 -8.72
CA GLU B 431 -20.23 -20.40 -9.60
C GLU B 431 -19.52 -21.38 -10.52
N MET B 432 -18.96 -22.46 -9.96
CA MET B 432 -18.25 -23.47 -10.76
C MET B 432 -19.09 -23.94 -11.91
N PHE B 433 -20.26 -24.48 -11.57
CA PHE B 433 -21.20 -25.05 -12.54
C PHE B 433 -21.60 -24.04 -13.63
N LEU B 434 -22.06 -22.86 -13.21
CA LEU B 434 -22.57 -21.87 -14.15
C LEU B 434 -21.48 -21.28 -15.07
N PHE B 435 -20.29 -21.03 -14.52
CA PHE B 435 -19.16 -20.54 -15.33
C PHE B 435 -18.60 -21.61 -16.26
N PHE B 436 -18.49 -22.83 -15.77
CA PHE B 436 -17.95 -23.95 -16.55
C PHE B 436 -18.90 -24.31 -17.67
N THR B 437 -20.19 -24.39 -17.37
CA THR B 437 -21.18 -24.71 -18.40
C THR B 437 -21.38 -23.55 -19.39
N ALA B 438 -21.47 -22.31 -18.92
CA ALA B 438 -21.66 -21.16 -19.86
C ALA B 438 -20.45 -20.99 -20.78
N LEU B 439 -19.27 -21.40 -20.29
CA LEU B 439 -18.04 -21.28 -21.05
C LEU B 439 -17.92 -22.36 -22.15
N LEU B 440 -18.16 -23.61 -21.79
CA LEU B 440 -18.00 -24.72 -22.72
C LEU B 440 -19.14 -24.80 -23.75
N GLN B 441 -20.32 -24.35 -23.36
CA GLN B 441 -21.45 -24.11 -24.28
C GLN B 441 -20.96 -23.26 -25.43
N ARG B 442 -20.38 -22.13 -25.11
CA ARG B 442 -19.98 -21.19 -26.11
C ARG B 442 -18.67 -21.57 -26.85
N PHE B 443 -17.70 -22.16 -26.15
CA PHE B 443 -16.36 -22.36 -26.74
C PHE B 443 -15.85 -23.78 -26.67
N HIS B 444 -15.14 -24.18 -27.72
CA HIS B 444 -14.22 -25.30 -27.69
C HIS B 444 -12.86 -24.80 -27.18
N LEU B 445 -12.26 -25.53 -26.25
CA LEU B 445 -10.99 -25.13 -25.63
C LEU B 445 -9.85 -26.08 -25.98
N HIS B 446 -8.69 -25.51 -26.28
CA HIS B 446 -7.47 -26.29 -26.54
C HIS B 446 -6.19 -25.45 -26.40
N PHE B 447 -5.05 -26.14 -26.25
CA PHE B 447 -3.74 -25.48 -26.17
C PHE B 447 -3.27 -25.04 -27.58
N PRO B 448 -2.43 -23.99 -27.65
CA PRO B 448 -1.85 -23.55 -28.93
C PRO B 448 -0.85 -24.56 -29.50
N HIS B 449 -1.09 -24.96 -30.76
CA HIS B 449 -0.33 -26.03 -31.42
C HIS B 449 -0.39 -27.33 -30.59
N GLU B 450 -1.46 -27.47 -29.81
CA GLU B 450 -1.69 -28.64 -28.94
C GLU B 450 -0.48 -29.06 -28.12
N LEU B 451 0.32 -28.11 -27.61
CA LEU B 451 1.40 -28.46 -26.65
C LEU B 451 0.89 -28.39 -25.22
N VAL B 452 1.05 -29.49 -24.47
CA VAL B 452 0.60 -29.58 -23.07
C VAL B 452 1.55 -28.82 -22.14
N PRO B 453 1.01 -27.86 -21.37
CA PRO B 453 1.85 -27.09 -20.45
C PRO B 453 2.28 -27.87 -19.19
N ASP B 454 2.91 -27.17 -18.25
CA ASP B 454 3.31 -27.75 -16.98
C ASP B 454 2.06 -28.02 -16.10
N LEU B 455 1.90 -29.28 -15.70
CA LEU B 455 0.77 -29.73 -14.89
C LEU B 455 1.10 -29.80 -13.39
N LYS B 456 2.33 -29.44 -13.01
CA LYS B 456 2.71 -29.44 -11.59
C LYS B 456 2.31 -28.12 -10.95
N PRO B 457 1.56 -28.17 -9.84
CA PRO B 457 1.16 -26.91 -9.19
C PRO B 457 2.32 -26.13 -8.59
N ARG B 458 2.08 -24.87 -8.33
CA ARG B 458 2.99 -24.01 -7.56
C ARG B 458 2.83 -24.28 -6.09
N LEU B 459 3.87 -23.97 -5.32
CA LEU B 459 3.78 -23.97 -3.88
C LEU B 459 2.85 -22.84 -3.47
N GLY B 460 1.85 -23.17 -2.65
CA GLY B 460 1.00 -22.16 -2.04
C GLY B 460 0.02 -22.79 -1.07
N MET B 461 -0.66 -21.95 -0.30
CA MET B 461 -1.78 -22.42 0.51
C MET B 461 -2.90 -23.00 -0.37
N THR B 462 -2.95 -22.56 -1.62
CA THR B 462 -3.86 -23.14 -2.61
C THR B 462 -3.05 -23.63 -3.80
N LEU B 463 -3.59 -24.61 -4.53
CA LEU B 463 -2.91 -25.15 -5.69
C LEU B 463 -3.40 -24.47 -6.93
N GLN B 464 -2.47 -23.83 -7.64
CA GLN B 464 -2.78 -23.25 -8.92
C GLN B 464 -1.75 -23.71 -9.95
N PRO B 465 -2.19 -23.86 -11.21
CA PRO B 465 -1.27 -24.25 -12.27
C PRO B 465 -0.34 -23.12 -12.63
N GLN B 466 0.75 -23.46 -13.29
CA GLN B 466 1.64 -22.44 -13.81
C GLN B 466 0.92 -21.71 -14.92
N PRO B 467 1.34 -20.48 -15.22
CA PRO B 467 0.63 -19.76 -16.28
C PRO B 467 0.65 -20.57 -17.57
N TYR B 468 -0.48 -20.71 -18.21
CA TYR B 468 -0.59 -21.46 -19.43
C TYR B 468 -1.54 -20.74 -20.35
N LEU B 469 -1.32 -20.88 -21.65
CA LEU B 469 -2.14 -20.24 -22.64
C LEU B 469 -3.20 -21.21 -23.17
N ILE B 470 -4.34 -20.65 -23.59
CA ILE B 470 -5.43 -21.45 -24.11
C ILE B 470 -6.13 -20.72 -25.26
N CYS B 471 -6.59 -21.50 -26.24
CA CYS B 471 -7.38 -20.98 -27.34
C CYS B 471 -8.84 -21.33 -27.16
N ALA B 472 -9.69 -20.30 -27.23
CA ALA B 472 -11.13 -20.46 -27.11
C ALA B 472 -11.73 -20.19 -28.48
N GLU B 473 -12.22 -21.24 -29.13
CA GLU B 473 -12.90 -21.11 -30.42
C GLU B 473 -14.40 -21.32 -30.22
N ARG B 474 -15.22 -20.43 -30.80
CA ARG B 474 -16.68 -20.51 -30.67
C ARG B 474 -17.27 -21.64 -31.48
N ARG B 475 -18.34 -22.23 -30.95
CA ARG B 475 -18.77 -23.56 -31.34
C ARG B 475 -19.79 -23.68 -32.47
N HIS B 476 -20.89 -22.93 -32.39
CA HIS B 476 -21.99 -23.07 -33.37
C HIS B 476 -22.21 -21.74 -34.09
N HIS B 477 -21.15 -21.23 -34.72
CA HIS B 477 -21.19 -19.89 -35.32
C HIS B 477 -22.11 -19.84 -36.55
N HIS B 478 -23.05 -18.88 -36.55
CA HIS B 478 -23.97 -18.67 -37.66
C HIS B 478 -24.29 -17.20 -37.84
N HIS B 479 -24.67 -16.82 -39.07
CA HIS B 479 -25.06 -15.43 -39.39
C HIS B 479 -26.59 -15.27 -39.34
#